data_6TWU
#
_entry.id   6TWU
#
_cell.length_a   61.160
_cell.length_b   96.440
_cell.length_c   197.710
_cell.angle_alpha   90.000
_cell.angle_beta   90.000
_cell.angle_gamma   90.000
#
_symmetry.space_group_name_H-M   'P 2 21 21'
#
loop_
_entity.id
_entity.type
_entity.pdbx_description
1 polymer 'Membrane-associated guanylate kinase, WW and PDZ domain-containing protein 1,Annexin A2'
2 polymer 'Protein E6'
3 non-polymer GLYCEROL
4 non-polymer 'CITRIC ACID'
5 non-polymer 'CALCIUM ION'
6 water water
#
loop_
_entity_poly.entity_id
_entity_poly.type
_entity_poly.pdbx_seq_one_letter_code
_entity_poly.pdbx_strand_id
1 'polypeptide(L)'
;GSMGKPFFTRNPSELKGKFIHTKLRKSSRGFGFTVVGGDEPDEFLQIKSLVLDGPAALDGKMETGDVIVSVNDTCVLGHT
HAQVVKIFQSIPIGASVDLELCRGYPLGSSAYGSVKAYTNFDAERDALNIETAIKTKGVDEVTIVNILTNRSNEQRQDIA
FAYQRRTKKELASALKSALSGHLETVILGLLKTPAQYDASELKASMKGLGTDEDSLIEIICSRTNQELQEINRVYKEMYK
TDLEKDIISDTSGDFRKLMVALAKGRRAEDGSVIDYELIDQDARDLYDAGVKRKGTDVPKWISIMTERSVPHLQKVFDRY
KSYSPYDMLESIRKEVKGDLENAFLNLVQCIQNKPLYFADRLYDSMKGKGTRDKVLIRIMVSRSEVDMLKIRSEFKRKYG
KSLYYYIQQDTKGDYQKALLYLCGGDD
;
A,B
2 'polypeptide(L)' SSRTRREEQL C
#
# COMPACT_ATOMS: atom_id res chain seq x y z
N PHE A 7 19.09 21.99 -18.75
CA PHE A 7 20.52 22.26 -18.95
C PHE A 7 21.28 22.10 -17.63
N PHE A 8 22.34 21.28 -17.68
CA PHE A 8 23.16 20.99 -16.52
C PHE A 8 24.63 21.06 -16.91
N THR A 9 25.47 21.50 -15.97
CA THR A 9 26.91 21.55 -16.19
C THR A 9 27.61 21.61 -14.84
N ARG A 10 28.51 20.66 -14.59
CA ARG A 10 29.31 20.64 -13.38
C ARG A 10 30.58 21.48 -13.51
N ASN A 11 30.59 22.45 -14.43
CA ASN A 11 31.70 23.38 -14.60
C ASN A 11 31.25 24.77 -14.21
N PRO A 12 31.92 25.45 -13.28
CA PRO A 12 31.64 26.87 -13.08
C PRO A 12 32.01 27.73 -14.28
N SER A 13 32.86 27.23 -15.18
CA SER A 13 33.24 27.96 -16.39
C SER A 13 32.25 27.78 -17.53
N GLU A 14 31.16 27.04 -17.31
CA GLU A 14 30.11 26.86 -18.31
C GLU A 14 28.74 27.28 -17.79
N LEU A 15 28.68 27.92 -16.62
CA LEU A 15 27.46 28.51 -16.12
C LEU A 15 27.35 29.95 -16.62
N LYS A 16 26.15 30.32 -17.08
CA LYS A 16 25.94 31.60 -17.76
C LYS A 16 25.46 32.72 -16.83
N GLY A 17 24.73 32.39 -15.77
CA GLY A 17 24.15 33.40 -14.91
C GLY A 17 25.19 34.16 -14.10
N LYS A 18 24.69 34.89 -13.11
CA LYS A 18 25.52 35.72 -12.24
C LYS A 18 25.87 34.98 -10.97
N PHE A 19 27.12 35.13 -10.53
CA PHE A 19 27.61 34.45 -9.34
C PHE A 19 27.48 35.34 -8.11
N ILE A 20 27.23 34.71 -6.96
CA ILE A 20 26.97 35.44 -5.71
C ILE A 20 27.73 34.75 -4.58
N HIS A 21 28.65 35.49 -3.96
CA HIS A 21 29.37 34.99 -2.78
C HIS A 21 28.61 35.38 -1.52
N THR A 22 28.56 34.47 -0.56
CA THR A 22 27.81 34.71 0.67
C THR A 22 28.46 33.95 1.82
N LYS A 23 28.40 34.55 3.01
CA LYS A 23 28.90 33.95 4.23
C LYS A 23 27.77 33.83 5.23
N LEU A 24 27.54 32.61 5.72
CA LEU A 24 26.44 32.34 6.65
C LEU A 24 26.97 31.64 7.89
N ARG A 25 26.46 32.07 9.05
CA ARG A 25 26.71 31.39 10.31
C ARG A 25 25.50 30.54 10.66
N LYS A 26 25.75 29.27 10.96
CA LYS A 26 24.66 28.35 11.30
C LYS A 26 24.14 28.65 12.69
N SER A 27 22.91 29.15 12.77
CA SER A 27 22.30 29.48 14.06
C SER A 27 21.64 28.22 14.61
N SER A 28 20.75 28.40 15.58
CA SER A 28 20.16 27.26 16.26
C SER A 28 19.12 26.56 15.38
N ARG A 29 18.51 27.28 14.45
CA ARG A 29 17.54 26.71 13.51
C ARG A 29 18.16 26.47 12.15
N GLY A 30 19.42 26.03 12.12
CA GLY A 30 20.12 25.81 10.87
C GLY A 30 20.44 27.11 10.14
N PHE A 31 20.96 26.94 8.92
CA PHE A 31 21.23 28.11 8.09
C PHE A 31 19.94 28.78 7.63
N GLY A 32 18.82 28.07 7.63
CA GLY A 32 17.53 28.67 7.35
C GLY A 32 17.13 28.67 5.90
N PHE A 33 17.25 27.53 5.23
CA PHE A 33 16.78 27.41 3.85
C PHE A 33 16.63 25.93 3.50
N THR A 34 15.81 25.68 2.49
CA THR A 34 15.59 24.34 1.95
C THR A 34 16.17 24.26 0.55
N VAL A 35 16.85 23.16 0.26
CA VAL A 35 17.45 22.93 -1.05
C VAL A 35 16.64 21.85 -1.76
N VAL A 36 16.73 21.83 -3.09
CA VAL A 36 15.99 20.89 -3.93
C VAL A 36 16.88 20.49 -5.11
N GLY A 37 16.59 19.31 -5.66
CA GLY A 37 17.39 18.75 -6.73
C GLY A 37 18.49 17.85 -6.20
N GLY A 38 19.21 17.24 -7.13
CA GLY A 38 20.32 16.37 -6.78
C GLY A 38 19.97 14.92 -6.56
N ASP A 39 18.71 14.53 -6.74
CA ASP A 39 18.30 13.13 -6.65
C ASP A 39 18.47 12.39 -7.98
N GLU A 40 19.21 12.97 -8.92
CA GLU A 40 19.42 12.45 -10.26
C GLU A 40 20.91 12.30 -10.52
N PRO A 41 21.33 11.71 -11.65
CA PRO A 41 22.75 11.75 -12.02
C PRO A 41 23.22 13.16 -12.33
N ASP A 42 22.61 13.79 -13.34
CA ASP A 42 22.96 15.14 -13.77
C ASP A 42 21.79 16.08 -13.48
N GLU A 43 21.91 16.84 -12.39
CA GLU A 43 20.90 17.81 -12.01
C GLU A 43 21.50 18.78 -10.99
N PHE A 44 21.07 20.04 -11.06
CA PHE A 44 21.58 21.08 -10.19
C PHE A 44 20.99 20.96 -8.77
N LEU A 45 21.45 21.85 -7.90
CA LEU A 45 20.96 21.97 -6.52
C LEU A 45 20.56 23.42 -6.29
N GLN A 46 19.26 23.70 -6.25
CA GLN A 46 18.76 25.05 -6.21
C GLN A 46 18.04 25.31 -4.89
N ILE A 47 18.04 26.58 -4.48
CA ILE A 47 17.40 26.96 -3.22
C ILE A 47 15.89 26.91 -3.39
N LYS A 48 15.23 26.18 -2.50
CA LYS A 48 13.77 26.03 -2.57
C LYS A 48 13.08 27.16 -1.82
N SER A 49 13.14 27.13 -0.49
CA SER A 49 12.54 28.15 0.35
C SER A 49 13.57 28.69 1.33
N LEU A 50 13.30 29.87 1.87
CA LEU A 50 14.17 30.54 2.82
C LEU A 50 13.37 30.88 4.07
N VAL A 51 13.78 30.33 5.21
CA VAL A 51 13.18 30.68 6.49
C VAL A 51 13.43 32.16 6.76
N LEU A 52 12.37 32.97 6.72
CA LEU A 52 12.49 34.42 6.77
C LEU A 52 13.04 34.93 8.10
N ASP A 53 13.16 34.06 9.11
CA ASP A 53 13.82 34.42 10.36
C ASP A 53 15.16 33.70 10.53
N GLY A 54 15.62 32.97 9.52
CA GLY A 54 16.87 32.27 9.59
C GLY A 54 18.03 33.09 9.06
N PRO A 55 19.26 32.61 9.29
CA PRO A 55 20.44 33.34 8.80
C PRO A 55 20.49 33.47 7.29
N ALA A 56 19.80 32.59 6.55
CA ALA A 56 19.85 32.64 5.10
C ALA A 56 19.06 33.84 4.56
N ALA A 57 17.86 34.07 5.09
CA ALA A 57 17.06 35.21 4.67
C ALA A 57 17.55 36.52 5.30
N LEU A 58 18.27 36.44 6.43
CA LEU A 58 18.85 37.64 7.02
C LEU A 58 19.85 38.30 6.08
N ASP A 59 20.72 37.50 5.45
CA ASP A 59 21.71 38.05 4.53
C ASP A 59 21.04 38.72 3.33
N GLY A 60 20.01 38.08 2.78
CA GLY A 60 19.27 38.64 1.67
C GLY A 60 19.90 38.47 0.30
N LYS A 61 21.11 37.93 0.23
CA LYS A 61 21.80 37.76 -1.04
C LYS A 61 21.54 36.39 -1.67
N MET A 62 20.81 35.51 -0.99
CA MET A 62 20.44 34.21 -1.55
C MET A 62 18.94 34.21 -1.82
N GLU A 63 18.56 33.78 -3.02
CA GLU A 63 17.18 33.77 -3.46
C GLU A 63 16.81 32.36 -3.92
N THR A 64 15.52 32.16 -4.11
CA THR A 64 15.03 30.88 -4.61
C THR A 64 15.45 30.69 -6.07
N GLY A 65 15.90 29.48 -6.39
CA GLY A 65 16.36 29.16 -7.73
C GLY A 65 17.84 29.32 -7.95
N ASP A 66 18.61 29.62 -6.91
CA ASP A 66 20.05 29.80 -7.05
C ASP A 66 20.75 28.45 -7.04
N VAL A 67 21.49 28.15 -8.11
CA VAL A 67 22.28 26.93 -8.17
C VAL A 67 23.48 27.06 -7.24
N ILE A 68 23.68 26.05 -6.40
CA ILE A 68 24.78 26.02 -5.45
C ILE A 68 26.02 25.47 -6.17
N VAL A 69 26.96 26.36 -6.50
CA VAL A 69 28.13 25.98 -7.28
C VAL A 69 29.21 25.36 -6.41
N SER A 70 29.41 25.89 -5.20
CA SER A 70 30.44 25.36 -4.30
C SER A 70 30.07 25.68 -2.86
N VAL A 71 30.55 24.82 -1.95
CA VAL A 71 30.31 24.96 -0.51
C VAL A 71 31.65 24.72 0.20
N ASN A 72 32.17 25.77 0.85
CA ASN A 72 33.42 25.68 1.61
C ASN A 72 34.59 25.28 0.71
N ASP A 73 34.77 26.02 -0.38
CA ASP A 73 35.87 25.86 -1.33
C ASP A 73 35.84 24.50 -2.06
N THR A 74 34.70 23.82 -2.08
CA THR A 74 34.57 22.53 -2.77
C THR A 74 33.40 22.62 -3.73
N CYS A 75 33.66 22.33 -5.00
CA CYS A 75 32.61 22.35 -6.01
C CYS A 75 31.61 21.23 -5.74
N VAL A 76 30.34 21.59 -5.59
CA VAL A 76 29.27 20.63 -5.36
C VAL A 76 28.35 20.50 -6.55
N LEU A 77 28.73 21.07 -7.69
CA LEU A 77 28.01 20.87 -8.95
C LEU A 77 28.15 19.41 -9.37
N GLY A 78 27.01 18.71 -9.47
CA GLY A 78 27.01 17.30 -9.83
C GLY A 78 26.99 16.35 -8.67
N HIS A 79 27.19 16.84 -7.44
CA HIS A 79 27.02 16.01 -6.26
C HIS A 79 25.54 15.71 -6.04
N THR A 80 25.26 14.57 -5.41
CA THR A 80 23.89 14.16 -5.17
C THR A 80 23.26 15.02 -4.08
N HIS A 81 21.99 14.74 -3.78
CA HIS A 81 21.28 15.51 -2.76
C HIS A 81 21.74 15.17 -1.36
N ALA A 82 22.15 13.91 -1.11
CA ALA A 82 22.61 13.52 0.21
C ALA A 82 24.05 13.93 0.49
N GLN A 83 24.82 14.29 -0.55
CA GLN A 83 26.22 14.64 -0.37
C GLN A 83 26.40 16.06 0.12
N VAL A 84 25.65 17.01 -0.46
CA VAL A 84 25.75 18.40 -0.02
C VAL A 84 24.92 18.67 1.23
N VAL A 85 23.93 17.82 1.52
CA VAL A 85 23.17 17.96 2.76
C VAL A 85 24.03 17.56 3.96
N LYS A 86 24.91 16.57 3.79
CA LYS A 86 25.81 16.17 4.86
C LYS A 86 26.91 17.20 5.11
N ILE A 87 27.18 18.08 4.13
CA ILE A 87 28.21 19.11 4.33
C ILE A 87 27.69 20.21 5.26
N PHE A 88 26.44 20.64 5.06
CA PHE A 88 25.86 21.70 5.88
C PHE A 88 25.48 21.21 7.27
N GLN A 89 25.11 19.93 7.41
CA GLN A 89 24.74 19.40 8.71
C GLN A 89 25.95 19.14 9.59
N SER A 90 27.10 18.82 9.00
CA SER A 90 28.31 18.63 9.78
C SER A 90 28.82 19.95 10.36
N ILE A 91 28.51 21.07 9.72
CA ILE A 91 28.83 22.40 10.22
C ILE A 91 28.16 22.56 11.58
N PRO A 92 28.94 22.70 12.67
CA PRO A 92 28.31 22.89 13.98
C PRO A 92 27.58 24.22 14.11
N ILE A 93 27.01 24.50 15.28
CA ILE A 93 26.23 25.69 15.50
C ILE A 93 27.15 26.83 15.92
N GLY A 94 27.23 27.87 15.10
CA GLY A 94 28.11 29.00 15.32
C GLY A 94 29.23 29.11 14.29
N ALA A 95 29.50 28.04 13.55
CA ALA A 95 30.54 28.07 12.54
C ALA A 95 30.01 28.68 11.23
N SER A 96 30.94 29.01 10.34
CA SER A 96 30.61 29.70 9.11
C SER A 96 30.63 28.75 7.91
N VAL A 97 29.82 29.06 6.90
CA VAL A 97 29.81 28.34 5.64
C VAL A 97 29.89 29.35 4.51
N ASP A 98 30.61 29.00 3.44
CA ASP A 98 30.81 29.86 2.29
C ASP A 98 30.08 29.28 1.09
N LEU A 99 29.27 30.12 0.43
CA LEU A 99 28.39 29.68 -0.64
C LEU A 99 28.58 30.56 -1.86
N GLU A 100 28.96 29.95 -2.97
CA GLU A 100 28.93 30.60 -4.29
C GLU A 100 27.68 30.11 -5.01
N LEU A 101 26.81 31.05 -5.38
CA LEU A 101 25.53 30.74 -6.00
C LEU A 101 25.53 31.23 -7.44
N CYS A 102 24.48 30.84 -8.18
CA CYS A 102 24.37 31.15 -9.61
C CYS A 102 22.89 31.30 -9.95
N ARG A 103 22.49 32.50 -10.35
CA ARG A 103 21.10 32.79 -10.66
C ARG A 103 20.93 33.07 -12.15
N GLY A 104 19.84 32.56 -12.72
CA GLY A 104 19.59 32.67 -14.15
C GLY A 104 19.03 31.39 -14.72
N TYR A 105 18.88 30.38 -13.86
CA TYR A 105 18.33 29.06 -14.19
C TYR A 105 16.94 28.90 -13.58
N PRO A 106 16.07 28.06 -14.18
CA PRO A 106 14.66 28.00 -13.73
C PRO A 106 14.48 27.34 -12.37
N LEU A 107 13.92 26.12 -12.36
CA LEU A 107 13.63 25.43 -11.12
C LEU A 107 13.93 23.94 -11.15
N GLY A 108 14.49 23.43 -12.25
CA GLY A 108 14.79 22.01 -12.33
C GLY A 108 13.57 21.16 -12.58
N SER A 109 12.65 21.14 -11.61
CA SER A 109 11.41 20.39 -11.78
C SER A 109 10.60 20.92 -12.96
N SER A 110 10.25 22.21 -12.91
CA SER A 110 9.55 22.86 -14.01
C SER A 110 10.49 23.36 -15.10
N ALA A 111 11.54 22.60 -15.40
CA ALA A 111 12.53 23.03 -16.38
C ALA A 111 11.89 23.23 -17.75
N TYR A 112 11.09 22.26 -18.20
CA TYR A 112 10.50 22.30 -19.53
C TYR A 112 9.01 22.60 -19.51
N GLY A 113 8.49 23.11 -18.40
CA GLY A 113 7.13 23.59 -18.39
C GLY A 113 7.00 24.96 -19.02
N SER A 114 5.77 25.29 -19.39
CA SER A 114 5.48 26.62 -19.89
C SER A 114 4.98 27.55 -18.79
N VAL A 115 4.34 26.99 -17.77
CA VAL A 115 3.83 27.73 -16.64
C VAL A 115 4.87 27.66 -15.53
N LYS A 116 5.47 28.81 -15.21
CA LYS A 116 6.46 28.91 -14.15
C LYS A 116 5.83 29.60 -12.94
N ALA A 117 6.48 29.44 -11.80
CA ALA A 117 6.02 30.10 -10.58
C ALA A 117 6.13 31.61 -10.73
N TYR A 118 5.08 32.31 -10.30
CA TYR A 118 5.01 33.77 -10.37
C TYR A 118 5.83 34.36 -9.23
N THR A 119 6.78 35.23 -9.57
CA THR A 119 7.77 35.74 -8.61
C THR A 119 7.22 36.48 -7.40
N ASN A 120 6.62 37.64 -7.62
CA ASN A 120 6.03 38.41 -6.53
C ASN A 120 4.67 37.87 -6.14
N PHE A 121 4.61 36.58 -5.83
CA PHE A 121 3.34 35.93 -5.54
C PHE A 121 2.73 36.48 -4.26
N ASP A 122 1.42 36.71 -4.29
CA ASP A 122 0.68 37.12 -3.10
C ASP A 122 -0.71 36.50 -3.22
N ALA A 123 -0.93 35.39 -2.50
CA ALA A 123 -2.19 34.68 -2.63
C ALA A 123 -3.37 35.53 -2.18
N GLU A 124 -3.20 36.30 -1.11
CA GLU A 124 -4.29 37.12 -0.60
C GLU A 124 -4.72 38.16 -1.62
N ARG A 125 -3.77 38.76 -2.34
CA ARG A 125 -4.12 39.69 -3.40
C ARG A 125 -4.80 38.97 -4.56
N ASP A 126 -4.29 37.80 -4.92
CA ASP A 126 -4.91 37.03 -6.00
C ASP A 126 -6.32 36.58 -5.62
N ALA A 127 -6.49 36.10 -4.38
CA ALA A 127 -7.79 35.63 -3.93
C ALA A 127 -8.82 36.75 -3.95
N LEU A 128 -8.42 37.95 -3.52
CA LEU A 128 -9.34 39.08 -3.55
C LEU A 128 -9.67 39.45 -5.00
N ASN A 129 -8.64 39.56 -5.84
CA ASN A 129 -8.87 39.93 -7.23
C ASN A 129 -9.75 38.93 -7.95
N ILE A 130 -9.68 37.65 -7.56
CA ILE A 130 -10.57 36.66 -8.15
C ILE A 130 -11.97 36.79 -7.56
N GLU A 131 -12.07 37.11 -6.27
CA GLU A 131 -13.40 37.36 -5.69
C GLU A 131 -14.03 38.59 -6.33
N THR A 132 -13.23 39.63 -6.56
CA THR A 132 -13.75 40.83 -7.21
C THR A 132 -14.17 40.53 -8.65
N ALA A 133 -13.39 39.71 -9.35
CA ALA A 133 -13.77 39.32 -10.70
C ALA A 133 -15.06 38.52 -10.72
N ILE A 134 -15.21 37.58 -9.77
CA ILE A 134 -16.40 36.75 -9.72
C ILE A 134 -17.65 37.61 -9.49
N LYS A 135 -17.59 38.51 -8.52
CA LYS A 135 -18.74 39.29 -8.11
C LYS A 135 -18.88 40.59 -8.89
N THR A 136 -18.08 40.79 -9.93
CA THR A 136 -18.30 41.88 -10.85
C THR A 136 -19.50 41.56 -11.74
N LYS A 137 -20.36 42.56 -11.96
CA LYS A 137 -21.55 42.38 -12.78
C LYS A 137 -21.18 41.82 -14.15
N GLY A 138 -21.67 40.63 -14.45
CA GLY A 138 -21.36 39.97 -15.71
C GLY A 138 -20.13 39.10 -15.69
N VAL A 139 -19.44 39.00 -14.55
CA VAL A 139 -18.27 38.15 -14.34
C VAL A 139 -17.09 38.63 -15.19
N ASP A 140 -15.98 38.96 -14.54
CA ASP A 140 -14.75 39.37 -15.23
C ASP A 140 -13.91 38.12 -15.46
N GLU A 141 -14.23 37.40 -16.53
CA GLU A 141 -13.52 36.17 -16.82
C GLU A 141 -12.07 36.43 -17.17
N VAL A 142 -11.79 37.57 -17.82
CA VAL A 142 -10.43 37.90 -18.24
C VAL A 142 -9.48 37.92 -17.05
N THR A 143 -9.92 38.52 -15.94
CA THR A 143 -9.08 38.58 -14.75
C THR A 143 -8.81 37.18 -14.20
N ILE A 144 -9.86 36.37 -14.07
CA ILE A 144 -9.70 35.00 -13.58
C ILE A 144 -8.72 34.23 -14.47
N VAL A 145 -8.78 34.46 -15.78
CA VAL A 145 -7.89 33.74 -16.69
C VAL A 145 -6.47 34.27 -16.58
N ASN A 146 -6.30 35.59 -16.52
CA ASN A 146 -4.95 36.15 -16.47
C ASN A 146 -4.19 35.72 -15.24
N ILE A 147 -4.87 35.51 -14.11
CA ILE A 147 -4.17 35.17 -12.88
C ILE A 147 -3.84 33.68 -12.85
N LEU A 148 -4.87 32.83 -12.94
CA LEU A 148 -4.68 31.41 -12.68
C LEU A 148 -3.76 30.74 -13.71
N THR A 149 -3.74 31.23 -14.95
CA THR A 149 -2.88 30.62 -15.96
C THR A 149 -1.43 31.10 -15.88
N ASN A 150 -1.16 32.15 -15.09
N ASN A 150 -1.17 32.13 -15.09
CA ASN A 150 0.19 32.65 -14.88
CA ASN A 150 0.19 32.62 -14.89
C ASN A 150 0.70 32.35 -13.48
C ASN A 150 0.67 32.39 -13.46
N ARG A 151 0.12 31.36 -12.81
CA ARG A 151 0.57 30.91 -11.50
C ARG A 151 0.85 29.41 -11.58
N SER A 152 1.80 28.95 -10.77
CA SER A 152 2.06 27.53 -10.68
C SER A 152 0.91 26.83 -9.96
N ASN A 153 0.84 25.51 -10.13
CA ASN A 153 -0.21 24.75 -9.45
C ASN A 153 -0.07 24.89 -7.93
N GLU A 154 1.15 24.94 -7.43
CA GLU A 154 1.37 25.18 -6.01
C GLU A 154 0.77 26.51 -5.58
N GLN A 155 0.96 27.55 -6.40
CA GLN A 155 0.41 28.86 -6.06
C GLN A 155 -1.10 28.89 -6.17
N ARG A 156 -1.66 28.11 -7.10
CA ARG A 156 -3.12 28.04 -7.19
C ARG A 156 -3.72 27.36 -5.96
N GLN A 157 -2.96 26.47 -5.30
CA GLN A 157 -3.44 25.88 -4.06
C GLN A 157 -3.45 26.90 -2.92
N ASP A 158 -2.43 27.77 -2.87
CA ASP A 158 -2.42 28.82 -1.87
C ASP A 158 -3.55 29.82 -2.12
N ILE A 159 -3.86 30.08 -3.38
CA ILE A 159 -4.94 31.01 -3.70
C ILE A 159 -6.28 30.46 -3.23
N ALA A 160 -6.57 29.20 -3.59
CA ALA A 160 -7.83 28.59 -3.19
C ALA A 160 -7.96 28.53 -1.68
N PHE A 161 -6.84 28.41 -0.96
CA PHE A 161 -6.88 28.47 0.49
C PHE A 161 -7.20 29.88 0.97
N ALA A 162 -6.50 30.88 0.42
CA ALA A 162 -6.76 32.27 0.81
C ALA A 162 -8.19 32.67 0.50
N TYR A 163 -8.68 32.31 -0.70
CA TYR A 163 -10.05 32.62 -1.06
C TYR A 163 -11.03 32.00 -0.08
N GLN A 164 -10.74 30.78 0.38
CA GLN A 164 -11.62 30.12 1.32
C GLN A 164 -11.59 30.79 2.69
N ARG A 165 -10.40 31.24 3.11
CA ARG A 165 -10.33 31.97 4.37
C ARG A 165 -11.06 33.29 4.29
N ARG A 166 -11.09 33.92 3.12
CA ARG A 166 -11.71 35.21 2.99
C ARG A 166 -13.22 35.11 2.84
N THR A 167 -13.70 34.19 2.00
CA THR A 167 -15.10 34.12 1.64
C THR A 167 -15.89 33.08 2.42
N LYS A 168 -15.21 32.19 3.16
CA LYS A 168 -15.81 31.01 3.76
C LYS A 168 -16.52 30.14 2.72
N LYS A 169 -16.13 30.27 1.45
CA LYS A 169 -16.64 29.46 0.36
C LYS A 169 -15.46 28.90 -0.44
N GLU A 170 -15.65 27.73 -1.02
CA GLU A 170 -14.57 27.11 -1.79
C GLU A 170 -14.41 27.81 -3.14
N LEU A 171 -13.15 28.07 -3.51
CA LEU A 171 -12.89 28.73 -4.79
C LEU A 171 -13.44 27.93 -5.95
N ALA A 172 -13.33 26.60 -5.88
CA ALA A 172 -13.82 25.76 -6.97
C ALA A 172 -15.33 25.87 -7.11
N SER A 173 -16.05 25.97 -5.99
CA SER A 173 -17.51 26.14 -6.08
C SER A 173 -17.87 27.49 -6.67
N ALA A 174 -17.14 28.54 -6.27
CA ALA A 174 -17.45 29.87 -6.77
C ALA A 174 -17.23 29.98 -8.26
N LEU A 175 -16.13 29.42 -8.76
CA LEU A 175 -15.85 29.46 -10.19
C LEU A 175 -16.80 28.56 -10.97
N LYS A 176 -17.27 27.47 -10.37
CA LYS A 176 -18.25 26.61 -11.02
C LYS A 176 -19.54 27.38 -11.32
N SER A 177 -19.97 28.23 -10.38
CA SER A 177 -21.18 29.01 -10.54
C SER A 177 -20.98 30.30 -11.31
N ALA A 178 -19.74 30.64 -11.67
CA ALA A 178 -19.48 31.86 -12.43
C ALA A 178 -19.08 31.60 -13.87
N LEU A 179 -18.54 30.41 -14.17
CA LEU A 179 -18.06 30.06 -15.49
C LEU A 179 -18.96 28.98 -16.11
N SER A 180 -18.67 28.66 -17.37
CA SER A 180 -19.42 27.64 -18.08
C SER A 180 -18.61 27.17 -19.27
N GLY A 181 -19.09 26.09 -19.89
CA GLY A 181 -18.53 25.61 -21.13
C GLY A 181 -17.09 25.15 -21.00
N HIS A 182 -16.33 25.34 -22.08
CA HIS A 182 -14.96 24.83 -22.12
C HIS A 182 -14.07 25.57 -21.13
N LEU A 183 -14.27 26.88 -20.97
CA LEU A 183 -13.42 27.63 -20.05
C LEU A 183 -13.56 27.11 -18.63
N GLU A 184 -14.79 26.81 -18.20
CA GLU A 184 -15.01 26.22 -16.89
C GLU A 184 -14.17 24.97 -16.71
N THR A 185 -14.18 24.09 -17.71
CA THR A 185 -13.41 22.85 -17.63
C THR A 185 -11.92 23.15 -17.46
N VAL A 186 -11.40 24.15 -18.16
CA VAL A 186 -9.98 24.49 -18.08
C VAL A 186 -9.63 24.98 -16.69
N ILE A 187 -10.40 25.94 -16.18
CA ILE A 187 -10.07 26.58 -14.90
C ILE A 187 -10.20 25.59 -13.76
N LEU A 188 -11.30 24.82 -13.75
CA LEU A 188 -11.49 23.84 -12.68
C LEU A 188 -10.41 22.76 -12.72
N GLY A 189 -9.96 22.38 -13.91
CA GLY A 189 -8.84 21.46 -14.00
C GLY A 189 -7.57 22.05 -13.42
N LEU A 190 -7.30 23.33 -13.72
CA LEU A 190 -6.10 23.97 -13.22
C LEU A 190 -6.10 24.09 -11.70
N LEU A 191 -7.28 24.11 -11.07
CA LEU A 191 -7.36 24.22 -9.61
C LEU A 191 -7.01 22.93 -8.90
N LYS A 192 -7.18 21.78 -9.54
CA LYS A 192 -6.85 20.51 -8.91
C LYS A 192 -5.34 20.27 -8.94
N THR A 193 -4.85 19.52 -7.97
CA THR A 193 -3.48 19.06 -8.00
C THR A 193 -3.31 18.05 -9.13
N PRO A 194 -2.09 17.84 -9.60
CA PRO A 194 -1.90 16.88 -10.71
C PRO A 194 -2.47 15.51 -10.41
N ALA A 195 -2.28 15.02 -9.18
CA ALA A 195 -2.87 13.73 -8.82
C ALA A 195 -4.39 13.80 -8.74
N GLN A 196 -4.92 14.88 -8.18
CA GLN A 196 -6.37 15.06 -8.13
C GLN A 196 -6.95 15.14 -9.53
N TYR A 197 -6.34 15.94 -10.41
CA TYR A 197 -6.84 16.07 -11.76
C TYR A 197 -6.81 14.74 -12.50
N ASP A 198 -5.68 14.02 -12.43
CA ASP A 198 -5.58 12.73 -13.09
C ASP A 198 -6.56 11.72 -12.50
N ALA A 199 -6.72 11.72 -11.17
CA ALA A 199 -7.69 10.83 -10.55
C ALA A 199 -9.10 11.11 -11.04
N SER A 200 -9.48 12.39 -11.12
CA SER A 200 -10.82 12.74 -11.57
C SER A 200 -11.02 12.41 -13.05
N GLU A 201 -9.99 12.65 -13.88
CA GLU A 201 -10.09 12.28 -15.29
C GLU A 201 -10.26 10.78 -15.45
N LEU A 202 -9.55 9.99 -14.65
CA LEU A 202 -9.69 8.54 -14.71
C LEU A 202 -11.10 8.10 -14.32
N LYS A 203 -11.65 8.68 -13.25
CA LYS A 203 -13.00 8.33 -12.83
C LYS A 203 -14.04 8.73 -13.88
N ALA A 204 -13.85 9.88 -14.53
CA ALA A 204 -14.78 10.30 -15.57
C ALA A 204 -14.74 9.34 -16.75
N SER A 205 -13.55 8.87 -17.13
CA SER A 205 -13.44 7.97 -18.26
C SER A 205 -14.10 6.61 -18.00
N MET A 206 -14.46 6.31 -16.75
CA MET A 206 -15.09 5.05 -16.40
C MET A 206 -16.53 5.22 -15.91
N LYS A 207 -17.10 6.41 -16.06
CA LYS A 207 -18.49 6.62 -15.69
C LYS A 207 -19.42 5.97 -16.72
N GLY A 208 -20.56 5.47 -16.23
CA GLY A 208 -21.50 4.80 -17.10
C GLY A 208 -21.03 3.41 -17.49
N LEU A 209 -21.80 2.81 -18.40
CA LEU A 209 -21.45 1.47 -18.88
C LEU A 209 -20.32 1.51 -19.89
N GLY A 210 -20.35 2.47 -20.82
CA GLY A 210 -19.32 2.60 -21.83
C GLY A 210 -18.18 3.47 -21.33
N THR A 211 -16.97 2.92 -21.40
CA THR A 211 -15.79 3.62 -20.91
C THR A 211 -15.09 4.36 -22.05
N ASP A 212 -14.46 5.48 -21.70
CA ASP A 212 -13.67 6.26 -22.65
C ASP A 212 -12.27 5.66 -22.67
N GLU A 213 -12.12 4.60 -23.48
CA GLU A 213 -10.84 3.89 -23.55
C GLU A 213 -9.72 4.81 -23.99
N ASP A 214 -10.01 5.86 -24.76
N ASP A 214 -10.03 5.85 -24.78
CA ASP A 214 -8.95 6.75 -25.23
CA ASP A 214 -9.01 6.78 -25.24
C ASP A 214 -8.36 7.56 -24.09
C ASP A 214 -8.37 7.52 -24.07
N SER A 215 -9.20 8.07 -23.18
CA SER A 215 -8.68 8.86 -22.06
C SER A 215 -8.02 7.97 -21.00
N LEU A 216 -8.58 6.80 -20.76
CA LEU A 216 -7.94 5.84 -19.86
C LEU A 216 -6.56 5.47 -20.36
N ILE A 217 -6.42 5.23 -21.66
CA ILE A 217 -5.13 4.83 -22.22
C ILE A 217 -4.13 5.97 -22.10
N GLU A 218 -4.57 7.18 -22.40
CA GLU A 218 -3.69 8.38 -22.41
C GLU A 218 -3.04 8.61 -21.05
N ILE A 219 -3.80 8.44 -19.98
CA ILE A 219 -3.29 8.74 -18.65
C ILE A 219 -2.46 7.59 -18.11
N ILE A 220 -2.92 6.36 -18.30
CA ILE A 220 -2.22 5.20 -17.75
C ILE A 220 -0.91 4.97 -18.49
N CYS A 221 -0.88 5.26 -19.79
CA CYS A 221 0.33 5.01 -20.57
C CYS A 221 1.39 6.08 -20.40
N SER A 222 1.01 7.32 -20.10
CA SER A 222 1.96 8.42 -20.10
C SER A 222 2.49 8.77 -18.72
N ARG A 223 1.82 8.33 -17.65
CA ARG A 223 2.21 8.72 -16.30
C ARG A 223 3.38 7.87 -15.80
N THR A 224 4.23 8.48 -14.98
CA THR A 224 5.43 7.82 -14.47
C THR A 224 5.13 7.04 -13.20
N ASN A 225 6.13 6.28 -12.75
CA ASN A 225 6.03 5.54 -11.50
C ASN A 225 5.63 6.45 -10.35
N GLN A 226 6.34 7.57 -10.19
CA GLN A 226 6.02 8.49 -9.10
C GLN A 226 4.60 9.02 -9.23
N GLU A 227 4.23 9.48 -10.43
CA GLU A 227 2.91 10.04 -10.66
C GLU A 227 1.82 9.01 -10.38
N LEU A 228 2.00 7.79 -10.87
CA LEU A 228 0.98 6.76 -10.69
C LEU A 228 0.85 6.38 -9.22
N GLN A 229 1.96 6.38 -8.48
CA GLN A 229 1.89 6.12 -7.04
C GLN A 229 0.98 7.12 -6.36
N GLU A 230 1.11 8.40 -6.69
CA GLU A 230 0.30 9.43 -6.04
C GLU A 230 -1.14 9.40 -6.54
N ILE A 231 -1.35 9.10 -7.82
CA ILE A 231 -2.71 8.99 -8.34
C ILE A 231 -3.48 7.91 -7.58
N ASN A 232 -2.88 6.72 -7.44
CA ASN A 232 -3.52 5.63 -6.72
C ASN A 232 -3.88 6.04 -5.30
N ARG A 233 -2.99 6.78 -4.63
CA ARG A 233 -3.26 7.22 -3.27
C ARG A 233 -4.44 8.19 -3.23
N VAL A 234 -4.43 9.18 -4.13
CA VAL A 234 -5.46 10.21 -4.13
C VAL A 234 -6.78 9.67 -4.67
N TYR A 235 -6.73 8.69 -5.58
CA TYR A 235 -7.95 8.15 -6.16
C TYR A 235 -8.81 7.46 -5.11
N LYS A 236 -8.19 6.60 -4.29
CA LYS A 236 -8.94 5.96 -3.21
C LYS A 236 -9.42 6.98 -2.19
N GLU A 237 -8.60 8.01 -1.96
CA GLU A 237 -9.01 9.10 -1.10
C GLU A 237 -10.31 9.74 -1.58
N MET A 238 -10.38 10.07 -2.88
CA MET A 238 -11.52 10.80 -3.39
C MET A 238 -12.75 9.91 -3.56
N TYR A 239 -12.58 8.71 -4.09
CA TYR A 239 -13.70 7.90 -4.55
C TYR A 239 -13.92 6.64 -3.72
N LYS A 240 -13.21 6.49 -2.61
CA LYS A 240 -13.43 5.40 -1.66
C LYS A 240 -13.29 4.03 -2.31
N THR A 241 -12.39 3.90 -3.28
CA THR A 241 -12.15 2.63 -3.94
C THR A 241 -10.80 2.69 -4.63
N ASP A 242 -10.15 1.53 -4.74
CA ASP A 242 -8.87 1.46 -5.41
C ASP A 242 -9.06 1.66 -6.91
N LEU A 243 -8.13 2.42 -7.51
CA LEU A 243 -8.17 2.60 -8.96
C LEU A 243 -8.14 1.26 -9.68
N GLU A 244 -7.39 0.29 -9.14
CA GLU A 244 -7.26 -1.00 -9.81
C GLU A 244 -8.61 -1.69 -9.95
N LYS A 245 -9.45 -1.62 -8.91
CA LYS A 245 -10.74 -2.31 -8.97
C LYS A 245 -11.65 -1.68 -10.01
N ASP A 246 -11.70 -0.35 -10.08
CA ASP A 246 -12.52 0.30 -11.11
C ASP A 246 -12.04 -0.06 -12.51
N ILE A 247 -10.73 -0.23 -12.70
CA ILE A 247 -10.22 -0.63 -14.01
C ILE A 247 -10.60 -2.07 -14.30
N ILE A 248 -10.48 -2.95 -13.31
CA ILE A 248 -10.94 -4.33 -13.47
C ILE A 248 -12.39 -4.37 -13.91
N SER A 249 -13.22 -3.48 -13.35
CA SER A 249 -14.65 -3.53 -13.62
C SER A 249 -15.02 -3.02 -15.02
N ASP A 250 -14.17 -2.19 -15.62
CA ASP A 250 -14.53 -1.52 -16.87
C ASP A 250 -13.66 -1.94 -18.05
N THR A 251 -12.85 -2.99 -17.91
CA THR A 251 -12.03 -3.50 -18.99
C THR A 251 -12.08 -5.01 -18.97
N SER A 252 -11.59 -5.64 -20.04
CA SER A 252 -11.58 -7.09 -20.11
C SER A 252 -10.45 -7.53 -21.03
N GLY A 253 -10.26 -8.85 -21.11
CA GLY A 253 -9.28 -9.45 -21.98
C GLY A 253 -7.88 -8.95 -21.71
N ASP A 254 -7.04 -9.03 -22.74
CA ASP A 254 -5.66 -8.55 -22.61
C ASP A 254 -5.59 -7.07 -22.31
N PHE A 255 -6.59 -6.30 -22.77
CA PHE A 255 -6.58 -4.87 -22.51
C PHE A 255 -6.65 -4.59 -21.01
N ARG A 256 -7.45 -5.36 -20.28
CA ARG A 256 -7.47 -5.22 -18.83
C ARG A 256 -6.12 -5.58 -18.23
N LYS A 257 -5.50 -6.67 -18.72
CA LYS A 257 -4.18 -7.05 -18.23
C LYS A 257 -3.19 -5.91 -18.37
N LEU A 258 -3.15 -5.30 -19.56
CA LEU A 258 -2.18 -4.24 -19.80
C LEU A 258 -2.46 -3.02 -18.92
N MET A 259 -3.74 -2.66 -18.75
CA MET A 259 -4.06 -1.46 -18.00
C MET A 259 -3.81 -1.63 -16.51
N VAL A 260 -4.09 -2.82 -15.97
CA VAL A 260 -3.84 -3.06 -14.55
C VAL A 260 -2.35 -3.03 -14.27
N ALA A 261 -1.54 -3.62 -15.16
CA ALA A 261 -0.10 -3.68 -14.93
C ALA A 261 0.52 -2.28 -14.96
N LEU A 262 0.13 -1.46 -15.94
CA LEU A 262 0.69 -0.11 -16.05
C LEU A 262 0.24 0.75 -14.87
N ALA A 263 -1.05 0.68 -14.51
CA ALA A 263 -1.57 1.52 -13.44
C ALA A 263 -0.95 1.23 -12.09
N LYS A 264 -0.27 0.09 -11.92
CA LYS A 264 0.42 -0.17 -10.66
C LYS A 264 1.57 0.78 -10.44
N GLY A 265 2.16 1.32 -11.52
CA GLY A 265 3.29 2.20 -11.39
C GLY A 265 4.46 1.51 -10.71
N ARG A 266 4.73 0.27 -11.12
CA ARG A 266 5.79 -0.55 -10.55
C ARG A 266 6.89 -0.85 -11.57
N ARG A 267 6.98 -0.03 -12.62
CA ARG A 267 8.03 -0.20 -13.62
C ARG A 267 9.40 -0.16 -12.94
N ALA A 268 10.32 -1.00 -13.42
CA ALA A 268 11.68 -0.94 -12.93
C ALA A 268 12.27 0.44 -13.19
N GLU A 269 13.01 0.95 -12.22
CA GLU A 269 13.64 2.25 -12.37
C GLU A 269 14.89 2.14 -13.24
N ASP A 270 15.23 3.24 -13.90
N ASP A 270 15.19 3.22 -13.95
CA ASP A 270 16.37 3.27 -14.81
CA ASP A 270 16.37 3.23 -14.81
C ASP A 270 17.66 3.04 -14.03
C ASP A 270 17.63 2.97 -13.99
N GLY A 271 18.40 1.97 -14.40
CA GLY A 271 19.60 1.60 -13.69
C GLY A 271 20.80 2.46 -14.05
N SER A 272 21.89 2.19 -13.34
CA SER A 272 23.17 2.83 -13.64
C SER A 272 23.93 2.12 -14.75
N VAL A 273 23.63 0.85 -15.00
CA VAL A 273 24.31 0.07 -16.02
C VAL A 273 23.31 -0.31 -17.11
N ILE A 274 23.73 -0.14 -18.36
CA ILE A 274 22.98 -0.63 -19.50
C ILE A 274 23.16 -2.14 -19.58
N ASP A 275 22.06 -2.87 -19.72
CA ASP A 275 22.09 -4.34 -19.72
C ASP A 275 21.93 -4.82 -21.16
N TYR A 276 23.06 -4.86 -21.88
CA TYR A 276 23.03 -5.12 -23.31
C TYR A 276 22.53 -6.53 -23.61
N GLU A 277 22.94 -7.51 -22.81
CA GLU A 277 22.49 -8.89 -23.04
C GLU A 277 20.99 -9.00 -22.91
N LEU A 278 20.40 -8.27 -21.97
CA LEU A 278 18.96 -8.31 -21.76
C LEU A 278 18.23 -7.45 -22.79
N ILE A 279 18.84 -6.34 -23.23
CA ILE A 279 18.29 -5.57 -24.34
C ILE A 279 18.10 -6.48 -25.55
N ASP A 280 19.13 -7.27 -25.87
CA ASP A 280 19.05 -8.16 -27.02
C ASP A 280 18.06 -9.29 -26.77
N GLN A 281 18.02 -9.83 -25.55
CA GLN A 281 17.11 -10.93 -25.26
C GLN A 281 15.66 -10.46 -25.25
N ASP A 282 15.41 -9.28 -24.69
CA ASP A 282 14.05 -8.72 -24.72
C ASP A 282 13.61 -8.44 -26.16
N ALA A 283 14.52 -7.92 -26.98
CA ALA A 283 14.19 -7.68 -28.37
C ALA A 283 13.85 -8.99 -29.07
N ARG A 284 14.71 -9.99 -28.93
CA ARG A 284 14.44 -11.32 -29.46
C ARG A 284 13.11 -11.87 -28.97
N ASP A 285 12.79 -11.62 -27.70
CA ASP A 285 11.54 -12.15 -27.13
C ASP A 285 10.32 -11.42 -27.69
N LEU A 286 10.42 -10.12 -27.97
CA LEU A 286 9.31 -9.40 -28.59
C LEU A 286 9.07 -9.89 -30.02
N TYR A 287 10.14 -10.25 -30.73
CA TYR A 287 9.99 -10.74 -32.09
C TYR A 287 9.35 -12.12 -32.12
N ASP A 288 9.92 -13.07 -31.36
CA ASP A 288 9.39 -14.42 -31.34
C ASP A 288 7.94 -14.47 -30.92
N ALA A 289 7.51 -13.53 -30.08
CA ALA A 289 6.17 -13.54 -29.51
C ALA A 289 5.12 -12.98 -30.44
N GLY A 290 5.52 -12.34 -31.55
CA GLY A 290 4.56 -11.70 -32.43
C GLY A 290 4.79 -11.95 -33.90
N VAL A 291 5.60 -11.08 -34.53
CA VAL A 291 5.72 -11.06 -35.98
C VAL A 291 6.32 -12.37 -36.50
N LYS A 292 7.25 -12.96 -35.75
CA LYS A 292 7.86 -14.20 -36.20
C LYS A 292 6.84 -15.33 -36.30
N ARG A 293 5.80 -15.31 -35.47
CA ARG A 293 4.91 -16.45 -35.32
C ARG A 293 3.50 -16.11 -35.77
N LYS A 294 2.76 -17.16 -36.11
CA LYS A 294 1.32 -17.04 -36.30
C LYS A 294 0.65 -16.88 -34.94
N GLY A 295 -0.19 -15.86 -34.82
CA GLY A 295 -0.71 -15.47 -33.52
C GLY A 295 0.26 -14.57 -32.79
N THR A 296 -0.11 -14.24 -31.55
CA THR A 296 0.69 -13.34 -30.72
C THR A 296 0.69 -13.82 -29.28
N ASP A 297 1.87 -13.77 -28.65
CA ASP A 297 2.00 -14.00 -27.22
C ASP A 297 1.91 -12.63 -26.52
N VAL A 298 0.69 -12.19 -26.29
CA VAL A 298 0.43 -10.87 -25.72
C VAL A 298 0.96 -10.73 -24.30
N PRO A 299 0.79 -11.72 -23.41
CA PRO A 299 1.37 -11.58 -22.07
C PRO A 299 2.87 -11.32 -22.07
N LYS A 300 3.61 -11.89 -23.03
CA LYS A 300 5.03 -11.61 -23.12
C LYS A 300 5.29 -10.15 -23.45
N TRP A 301 4.54 -9.61 -24.43
CA TRP A 301 4.59 -8.19 -24.71
C TRP A 301 4.26 -7.36 -23.49
N ILE A 302 3.11 -7.63 -22.87
CA ILE A 302 2.69 -6.89 -21.68
C ILE A 302 3.78 -6.94 -20.63
N SER A 303 4.36 -8.13 -20.42
CA SER A 303 5.37 -8.31 -19.39
C SER A 303 6.59 -7.42 -19.64
N ILE A 304 7.16 -7.50 -20.85
CA ILE A 304 8.37 -6.75 -21.15
C ILE A 304 8.08 -5.25 -21.15
N MET A 305 6.97 -4.84 -21.76
CA MET A 305 6.75 -3.42 -21.98
C MET A 305 6.28 -2.68 -20.73
N THR A 306 5.81 -3.39 -19.71
CA THR A 306 5.41 -2.74 -18.47
C THR A 306 6.45 -2.87 -17.37
N GLU A 307 7.39 -3.79 -17.48
CA GLU A 307 8.30 -4.07 -16.39
C GLU A 307 9.69 -3.46 -16.57
N ARG A 308 10.19 -3.35 -17.79
CA ARG A 308 11.51 -2.77 -17.99
C ARG A 308 11.47 -1.25 -17.86
N SER A 309 12.61 -0.67 -17.49
CA SER A 309 12.71 0.78 -17.42
C SER A 309 12.58 1.38 -18.81
N VAL A 310 12.13 2.63 -18.85
CA VAL A 310 11.98 3.33 -20.14
C VAL A 310 13.29 3.36 -20.93
N PRO A 311 14.41 3.82 -20.37
CA PRO A 311 15.65 3.84 -21.17
C PRO A 311 16.04 2.47 -21.69
N HIS A 312 15.70 1.40 -20.95
CA HIS A 312 15.95 0.05 -21.43
C HIS A 312 15.10 -0.26 -22.65
N LEU A 313 13.80 0.00 -22.57
CA LEU A 313 12.87 -0.32 -23.66
C LEU A 313 13.16 0.50 -24.91
N GLN A 314 13.63 1.74 -24.75
CA GLN A 314 14.07 2.49 -25.92
C GLN A 314 15.17 1.75 -26.68
N LYS A 315 16.11 1.15 -25.95
CA LYS A 315 17.19 0.42 -26.60
C LYS A 315 16.74 -0.95 -27.14
N VAL A 316 15.73 -1.58 -26.51
CA VAL A 316 15.30 -2.86 -27.08
C VAL A 316 14.49 -2.63 -28.34
N PHE A 317 13.81 -1.48 -28.44
CA PHE A 317 13.03 -1.22 -29.65
C PHE A 317 13.95 -0.98 -30.85
N ASP A 318 15.11 -0.36 -30.62
N ASP A 318 15.11 -0.36 -30.65
CA ASP A 318 16.09 -0.20 -31.69
CA ASP A 318 16.03 -0.25 -31.77
C ASP A 318 16.77 -1.51 -32.05
C ASP A 318 16.68 -1.59 -32.08
N ARG A 319 17.00 -2.37 -31.05
CA ARG A 319 17.56 -3.69 -31.31
C ARG A 319 16.51 -4.63 -31.90
N TYR A 320 15.25 -4.43 -31.53
CA TYR A 320 14.14 -5.13 -32.17
C TYR A 320 14.11 -4.93 -33.68
N LYS A 321 14.53 -3.76 -34.16
CA LYS A 321 14.62 -3.55 -35.60
C LYS A 321 15.63 -4.47 -36.27
N SER A 322 16.61 -4.98 -35.53
CA SER A 322 17.57 -5.91 -36.11
C SER A 322 16.96 -7.27 -36.40
N TYR A 323 15.89 -7.63 -35.69
CA TYR A 323 15.24 -8.93 -35.80
C TYR A 323 14.01 -8.91 -36.70
N SER A 324 13.23 -7.85 -36.62
CA SER A 324 11.95 -7.75 -37.31
C SER A 324 12.06 -6.79 -38.49
N PRO A 325 11.44 -7.10 -39.63
CA PRO A 325 11.39 -6.11 -40.72
C PRO A 325 10.46 -4.95 -40.42
N TYR A 326 9.60 -5.06 -39.41
CA TYR A 326 8.74 -3.98 -38.96
C TYR A 326 9.23 -3.48 -37.61
N ASP A 327 9.16 -2.17 -37.40
CA ASP A 327 9.52 -1.66 -36.08
C ASP A 327 8.39 -1.94 -35.09
N MET A 328 8.55 -1.47 -33.86
CA MET A 328 7.61 -1.85 -32.80
C MET A 328 6.21 -1.32 -33.10
N LEU A 329 6.11 -0.08 -33.59
CA LEU A 329 4.80 0.48 -33.91
C LEU A 329 4.13 -0.28 -35.05
N GLU A 330 4.87 -0.54 -36.13
CA GLU A 330 4.32 -1.32 -37.23
C GLU A 330 3.93 -2.72 -36.77
N SER A 331 4.76 -3.34 -35.92
CA SER A 331 4.49 -4.71 -35.49
C SER A 331 3.22 -4.77 -34.65
N ILE A 332 2.98 -3.75 -33.82
CA ILE A 332 1.75 -3.70 -33.04
C ILE A 332 0.53 -3.70 -33.94
N ARG A 333 0.54 -2.83 -34.95
CA ARG A 333 -0.60 -2.78 -35.87
C ARG A 333 -0.78 -4.11 -36.60
N LYS A 334 0.33 -4.77 -36.94
CA LYS A 334 0.22 -6.02 -37.68
C LYS A 334 -0.27 -7.17 -36.79
N GLU A 335 0.08 -7.16 -35.51
CA GLU A 335 -0.17 -8.32 -34.66
C GLU A 335 -1.50 -8.26 -33.93
N VAL A 336 -2.04 -7.08 -33.68
CA VAL A 336 -3.08 -6.93 -32.67
C VAL A 336 -4.02 -5.80 -33.09
N LYS A 337 -5.24 -5.83 -32.55
CA LYS A 337 -6.30 -4.92 -32.97
C LYS A 337 -7.02 -4.37 -31.74
N GLY A 338 -7.95 -3.44 -31.96
CA GLY A 338 -8.84 -2.95 -30.93
C GLY A 338 -8.17 -2.09 -29.85
N ASP A 339 -8.83 -2.06 -28.68
CA ASP A 339 -8.32 -1.27 -27.56
C ASP A 339 -6.94 -1.72 -27.12
N LEU A 340 -6.63 -3.01 -27.28
CA LEU A 340 -5.29 -3.50 -27.01
C LEU A 340 -4.28 -2.85 -27.95
N GLU A 341 -4.57 -2.86 -29.26
CA GLU A 341 -3.70 -2.21 -30.22
C GLU A 341 -3.48 -0.75 -29.86
N ASN A 342 -4.57 -0.02 -29.65
CA ASN A 342 -4.48 1.39 -29.25
C ASN A 342 -3.59 1.54 -28.03
N ALA A 343 -3.79 0.69 -27.01
CA ALA A 343 -3.04 0.82 -25.77
C ALA A 343 -1.55 0.58 -26.00
N PHE A 344 -1.20 -0.45 -26.78
CA PHE A 344 0.22 -0.68 -27.06
C PHE A 344 0.81 0.48 -27.85
N LEU A 345 0.09 0.97 -28.87
CA LEU A 345 0.61 2.08 -29.67
C LEU A 345 0.89 3.29 -28.81
N ASN A 346 -0.04 3.62 -27.90
CA ASN A 346 0.16 4.77 -27.02
C ASN A 346 1.34 4.55 -26.08
N LEU A 347 1.50 3.31 -25.58
CA LEU A 347 2.56 3.03 -24.63
C LEU A 347 3.93 3.25 -25.25
N VAL A 348 4.24 2.56 -26.36
CA VAL A 348 5.60 2.66 -26.89
C VAL A 348 5.87 4.03 -27.50
N GLN A 349 4.83 4.78 -27.89
CA GLN A 349 5.04 6.19 -28.19
C GLN A 349 5.55 6.93 -26.96
N CYS A 350 4.95 6.67 -25.80
CA CYS A 350 5.38 7.31 -24.56
C CYS A 350 6.78 6.88 -24.15
N ILE A 351 7.17 5.66 -24.52
CA ILE A 351 8.51 5.17 -24.20
C ILE A 351 9.54 5.77 -25.15
N GLN A 352 9.20 5.87 -26.43
CA GLN A 352 10.17 6.35 -27.42
C GLN A 352 10.35 7.86 -27.32
N ASN A 353 9.24 8.62 -27.27
CA ASN A 353 9.31 10.07 -27.27
C ASN A 353 7.95 10.61 -26.78
N LYS A 354 7.86 10.89 -25.48
CA LYS A 354 6.62 11.32 -24.86
C LYS A 354 6.19 12.72 -25.29
N PRO A 355 7.08 13.72 -25.37
CA PRO A 355 6.63 15.02 -25.88
C PRO A 355 6.11 14.96 -27.31
N LEU A 356 6.72 14.12 -28.15
CA LEU A 356 6.17 13.91 -29.48
C LEU A 356 4.79 13.23 -29.40
N TYR A 357 4.64 12.28 -28.48
CA TYR A 357 3.36 11.61 -28.32
C TYR A 357 2.25 12.59 -27.98
N PHE A 358 2.52 13.54 -27.07
CA PHE A 358 1.52 14.56 -26.78
C PHE A 358 1.37 15.52 -27.95
N ALA A 359 2.46 15.82 -28.65
CA ALA A 359 2.36 16.68 -29.83
C ALA A 359 1.39 16.10 -30.85
N ASP A 360 1.49 14.80 -31.13
CA ASP A 360 0.59 14.16 -32.08
C ASP A 360 -0.84 14.11 -31.54
N ARG A 361 -1.00 13.82 -30.24
CA ARG A 361 -2.32 13.85 -29.64
C ARG A 361 -2.97 15.22 -29.77
N LEU A 362 -2.18 16.28 -29.56
CA LEU A 362 -2.72 17.63 -29.71
C LEU A 362 -3.08 17.91 -31.17
N TYR A 363 -2.20 17.52 -32.10
CA TYR A 363 -2.51 17.71 -33.50
C TYR A 363 -3.76 16.93 -33.91
N ASP A 364 -3.90 15.69 -33.41
CA ASP A 364 -5.09 14.91 -33.75
C ASP A 364 -6.35 15.53 -33.18
N SER A 365 -6.26 16.19 -32.02
CA SER A 365 -7.45 16.80 -31.43
C SER A 365 -7.94 17.99 -32.21
N MET A 366 -7.10 18.57 -33.07
CA MET A 366 -7.45 19.80 -33.77
C MET A 366 -7.45 19.67 -35.28
N LYS A 367 -6.90 18.60 -35.84
CA LYS A 367 -6.61 18.57 -37.27
C LYS A 367 -7.87 18.60 -38.14
N GLY A 368 -8.97 18.04 -37.65
CA GLY A 368 -10.17 17.85 -38.45
C GLY A 368 -11.27 18.85 -38.13
N LYS A 369 -12.49 18.46 -38.47
CA LYS A 369 -13.64 19.30 -38.15
C LYS A 369 -13.82 19.40 -36.64
N GLY A 370 -14.03 20.62 -36.14
CA GLY A 370 -14.22 20.79 -34.72
C GLY A 370 -12.94 20.54 -33.93
N THR A 371 -13.13 20.24 -32.65
CA THR A 371 -12.04 20.02 -31.71
C THR A 371 -12.43 18.91 -30.75
N ARG A 372 -11.47 18.04 -30.43
CA ARG A 372 -11.65 17.10 -29.32
C ARG A 372 -11.19 17.82 -28.05
N ASP A 373 -12.03 18.72 -27.57
CA ASP A 373 -11.69 19.60 -26.42
C ASP A 373 -11.26 18.83 -25.18
N LYS A 374 -11.88 17.71 -24.89
CA LYS A 374 -11.50 16.99 -23.68
C LYS A 374 -10.04 16.56 -23.73
N VAL A 375 -9.56 16.17 -24.92
CA VAL A 375 -8.16 15.80 -25.07
C VAL A 375 -7.26 17.04 -25.03
N LEU A 376 -7.64 18.08 -25.78
CA LEU A 376 -6.84 19.28 -25.84
C LEU A 376 -6.67 19.91 -24.45
N ILE A 377 -7.77 20.02 -23.72
CA ILE A 377 -7.72 20.67 -22.41
C ILE A 377 -6.87 19.86 -21.43
N ARG A 378 -7.09 18.56 -21.39
CA ARG A 378 -6.37 17.69 -20.44
C ARG A 378 -4.86 17.75 -20.68
N ILE A 379 -4.43 17.81 -21.93
CA ILE A 379 -3.00 17.87 -22.21
C ILE A 379 -2.44 19.23 -21.84
N MET A 380 -3.15 20.30 -22.20
CA MET A 380 -2.67 21.64 -21.88
C MET A 380 -2.56 21.84 -20.37
N VAL A 381 -3.50 21.29 -19.62
CA VAL A 381 -3.49 21.44 -18.17
C VAL A 381 -2.42 20.55 -17.53
N SER A 382 -2.40 19.28 -17.90
CA SER A 382 -1.56 18.32 -17.19
C SER A 382 -0.08 18.40 -17.58
N ARG A 383 0.25 18.98 -18.73
CA ARG A 383 1.64 19.06 -19.18
C ARG A 383 2.21 20.47 -19.12
N SER A 384 1.44 21.45 -18.65
CA SER A 384 1.89 22.84 -18.64
C SER A 384 3.11 23.04 -17.75
N GLU A 385 3.23 22.25 -16.67
CA GLU A 385 4.36 22.35 -15.77
C GLU A 385 5.31 21.16 -15.89
N VAL A 386 5.09 20.29 -16.87
CA VAL A 386 5.95 19.14 -17.09
C VAL A 386 6.86 19.36 -18.29
N ASP A 387 6.32 19.18 -19.50
CA ASP A 387 7.18 19.18 -20.68
C ASP A 387 6.59 19.98 -21.84
N MET A 388 5.76 20.99 -21.55
CA MET A 388 5.08 21.72 -22.61
C MET A 388 6.06 22.32 -23.60
N LEU A 389 7.22 22.81 -23.11
CA LEU A 389 8.22 23.38 -24.00
C LEU A 389 8.78 22.33 -24.95
N LYS A 390 9.00 21.11 -24.47
CA LYS A 390 9.43 20.04 -25.37
C LYS A 390 8.33 19.67 -26.36
N ILE A 391 7.08 19.62 -25.88
CA ILE A 391 5.96 19.33 -26.75
C ILE A 391 5.88 20.37 -27.87
N ARG A 392 6.02 21.65 -27.50
CA ARG A 392 5.95 22.71 -28.50
C ARG A 392 7.09 22.63 -29.50
N SER A 393 8.24 22.14 -29.06
CA SER A 393 9.37 21.95 -29.97
C SER A 393 9.10 20.82 -30.97
N GLU A 394 8.59 19.69 -30.48
CA GLU A 394 8.27 18.58 -31.37
C GLU A 394 7.13 18.95 -32.30
N PHE A 395 6.13 19.67 -31.79
CA PHE A 395 5.01 20.09 -32.64
C PHE A 395 5.49 20.95 -33.79
N LYS A 396 6.30 21.98 -33.48
CA LYS A 396 6.78 22.89 -34.51
C LYS A 396 7.67 22.16 -35.52
N ARG A 397 8.51 21.24 -35.04
CA ARG A 397 9.42 20.55 -35.96
C ARG A 397 8.66 19.65 -36.92
N LYS A 398 7.62 18.97 -36.44
CA LYS A 398 6.91 18.00 -37.26
C LYS A 398 5.87 18.67 -38.16
N TYR A 399 5.14 19.65 -37.64
CA TYR A 399 4.01 20.23 -38.36
C TYR A 399 4.30 21.59 -38.97
N GLY A 400 5.50 22.14 -38.78
CA GLY A 400 5.92 23.35 -39.46
C GLY A 400 5.34 24.65 -38.93
N LYS A 401 4.21 24.60 -38.23
CA LYS A 401 3.67 25.75 -37.53
C LYS A 401 3.62 25.42 -36.04
N SER A 402 3.36 26.44 -35.23
CA SER A 402 3.43 26.30 -33.78
C SER A 402 2.16 25.69 -33.21
N LEU A 403 2.29 25.08 -32.04
CA LEU A 403 1.11 24.65 -31.29
C LEU A 403 0.18 25.83 -31.03
N TYR A 404 0.76 26.97 -30.65
CA TYR A 404 -0.01 28.20 -30.46
C TYR A 404 -0.88 28.50 -31.69
N TYR A 405 -0.30 28.38 -32.89
CA TYR A 405 -1.05 28.66 -34.12
C TYR A 405 -2.27 27.77 -34.27
N TYR A 406 -2.09 26.46 -34.05
CA TYR A 406 -3.22 25.55 -34.20
C TYR A 406 -4.29 25.82 -33.15
N ILE A 407 -3.88 26.04 -31.89
CA ILE A 407 -4.83 26.38 -30.84
C ILE A 407 -5.60 27.64 -31.21
N GLN A 408 -4.90 28.64 -31.76
CA GLN A 408 -5.55 29.90 -32.08
C GLN A 408 -6.61 29.71 -33.17
N GLN A 409 -6.35 28.82 -34.13
CA GLN A 409 -7.32 28.58 -35.19
C GLN A 409 -8.54 27.82 -34.68
N ASP A 410 -8.32 26.87 -33.78
CA ASP A 410 -9.37 25.92 -33.40
C ASP A 410 -10.25 26.39 -32.25
N THR A 411 -9.77 27.29 -31.41
CA THR A 411 -10.54 27.74 -30.26
C THR A 411 -10.69 29.25 -30.31
N LYS A 412 -11.75 29.73 -29.66
CA LYS A 412 -12.06 31.16 -29.61
C LYS A 412 -12.46 31.53 -28.18
N GLY A 413 -12.58 32.84 -27.94
CA GLY A 413 -13.04 33.35 -26.67
C GLY A 413 -12.00 33.26 -25.56
N ASP A 414 -12.46 33.53 -24.34
CA ASP A 414 -11.60 33.40 -23.17
C ASP A 414 -11.07 31.98 -23.03
N TYR A 415 -11.83 31.00 -23.52
CA TYR A 415 -11.33 29.63 -23.66
C TYR A 415 -10.00 29.62 -24.40
N GLN A 416 -9.95 30.25 -25.58
CA GLN A 416 -8.71 30.30 -26.36
C GLN A 416 -7.59 30.99 -25.58
N LYS A 417 -7.90 32.14 -24.97
CA LYS A 417 -6.88 32.88 -24.23
C LYS A 417 -6.29 32.02 -23.12
N ALA A 418 -7.14 31.27 -22.40
CA ALA A 418 -6.64 30.40 -21.35
C ALA A 418 -5.69 29.34 -21.90
N LEU A 419 -6.07 28.70 -23.01
CA LEU A 419 -5.19 27.69 -23.60
C LEU A 419 -3.90 28.31 -24.12
N LEU A 420 -3.99 29.50 -24.73
CA LEU A 420 -2.78 30.14 -25.25
C LEU A 420 -1.82 30.49 -24.13
N TYR A 421 -2.33 30.95 -22.98
CA TYR A 421 -1.47 31.17 -21.82
C TYR A 421 -0.80 29.87 -21.38
N LEU A 422 -1.57 28.78 -21.35
CA LEU A 422 -1.00 27.50 -20.96
C LEU A 422 0.03 27.00 -21.98
N CYS A 423 -0.13 27.40 -23.24
CA CYS A 423 0.89 27.09 -24.24
C CYS A 423 2.17 27.86 -23.95
N GLY A 424 2.05 29.15 -23.61
CA GLY A 424 3.19 29.92 -23.16
C GLY A 424 3.89 30.76 -24.21
N GLY A 425 3.36 30.85 -25.41
CA GLY A 425 3.97 31.66 -26.46
C GLY A 425 4.07 30.91 -27.77
N ASP A 426 4.44 31.67 -28.80
CA ASP A 426 4.54 31.17 -30.16
C ASP A 426 5.90 30.51 -30.41
N ASP A 427 6.02 29.81 -31.53
CA ASP A 427 7.28 29.20 -31.95
C ASP A 427 7.56 29.51 -33.42
N PHE B 7 -24.04 -28.05 16.90
CA PHE B 7 -24.36 -27.83 18.30
C PHE B 7 -25.69 -27.09 18.41
N PHE B 8 -26.35 -26.91 17.27
CA PHE B 8 -27.64 -26.24 17.23
C PHE B 8 -28.68 -27.03 18.01
N THR B 9 -29.59 -26.30 18.66
CA THR B 9 -30.70 -26.91 19.37
C THR B 9 -31.87 -25.95 19.39
N ARG B 10 -33.07 -26.51 19.57
CA ARG B 10 -34.28 -25.70 19.71
C ARG B 10 -34.81 -25.67 21.13
N ASN B 11 -34.34 -26.56 22.01
CA ASN B 11 -34.77 -26.57 23.40
C ASN B 11 -33.73 -25.87 24.25
N PRO B 12 -34.09 -24.81 24.98
CA PRO B 12 -33.07 -24.08 25.77
C PRO B 12 -32.51 -24.90 26.92
N SER B 13 -33.28 -25.88 27.42
CA SER B 13 -32.76 -26.75 28.47
C SER B 13 -31.50 -27.49 28.03
N GLU B 14 -31.37 -27.75 26.72
CA GLU B 14 -30.18 -28.40 26.18
C GLU B 14 -29.11 -27.36 25.91
N LEU B 15 -28.88 -26.48 26.87
CA LEU B 15 -27.79 -25.51 26.81
C LEU B 15 -27.11 -25.48 28.17
N LYS B 16 -25.79 -25.30 28.16
CA LYS B 16 -25.03 -25.32 29.41
C LYS B 16 -24.04 -24.16 29.54
N GLY B 17 -24.17 -23.11 28.73
CA GLY B 17 -23.42 -21.89 28.97
C GLY B 17 -24.06 -21.07 30.08
N LYS B 18 -23.63 -19.82 30.18
CA LYS B 18 -24.20 -18.91 31.15
C LYS B 18 -25.31 -18.08 30.51
N PHE B 19 -26.42 -17.94 31.24
CA PHE B 19 -27.56 -17.17 30.77
C PHE B 19 -27.60 -15.83 31.47
N ILE B 20 -27.70 -14.76 30.70
CA ILE B 20 -27.83 -13.41 31.24
C ILE B 20 -28.98 -12.70 30.54
N HIS B 21 -29.77 -11.98 31.31
CA HIS B 21 -30.89 -11.20 30.80
C HIS B 21 -30.50 -9.73 30.73
N THR B 22 -30.89 -9.08 29.64
CA THR B 22 -30.64 -7.66 29.50
C THR B 22 -31.84 -7.00 28.83
N LYS B 23 -32.10 -5.75 29.24
CA LYS B 23 -33.17 -4.93 28.67
C LYS B 23 -32.56 -3.76 27.94
N LEU B 24 -33.06 -3.48 26.73
CA LEU B 24 -32.49 -2.41 25.90
C LEU B 24 -33.59 -1.53 25.34
N ARG B 25 -33.46 -0.23 25.54
CA ARG B 25 -34.39 0.74 24.97
C ARG B 25 -33.91 1.09 23.57
N LYS B 26 -34.76 0.83 22.57
CA LYS B 26 -34.38 1.11 21.19
C LYS B 26 -34.15 2.60 20.99
N SER B 27 -33.03 2.93 20.36
CA SER B 27 -32.64 4.32 20.16
C SER B 27 -32.99 4.77 18.75
N SER B 28 -32.60 6.01 18.44
CA SER B 28 -32.84 6.57 17.12
C SER B 28 -32.05 5.85 16.04
N ARG B 29 -31.04 5.07 16.42
CA ARG B 29 -30.22 4.32 15.48
C ARG B 29 -30.26 2.82 15.79
N GLY B 30 -31.34 2.37 16.41
CA GLY B 30 -31.53 0.97 16.72
C GLY B 30 -30.98 0.59 18.08
N PHE B 31 -30.90 -0.72 18.29
CA PHE B 31 -30.39 -1.24 19.56
C PHE B 31 -28.87 -1.25 19.62
N GLY B 32 -28.19 -0.96 18.52
CA GLY B 32 -26.74 -0.80 18.55
C GLY B 32 -25.93 -2.07 18.41
N PHE B 33 -26.37 -2.99 17.56
CA PHE B 33 -25.61 -4.22 17.33
C PHE B 33 -26.01 -4.80 15.97
N THR B 34 -25.16 -5.67 15.45
CA THR B 34 -25.42 -6.40 14.21
C THR B 34 -25.48 -7.88 14.52
N VAL B 35 -26.40 -8.58 13.85
CA VAL B 35 -26.61 -10.00 14.09
C VAL B 35 -26.15 -10.79 12.87
N VAL B 36 -25.80 -12.04 13.11
CA VAL B 36 -25.44 -12.98 12.05
C VAL B 36 -25.90 -14.36 12.48
N GLY B 37 -26.12 -15.23 11.49
CA GLY B 37 -26.60 -16.57 11.75
C GLY B 37 -28.05 -16.74 11.33
N GLY B 38 -28.63 -17.85 11.78
CA GLY B 38 -29.99 -18.19 11.42
C GLY B 38 -30.22 -18.28 9.93
N ASP B 39 -29.17 -18.59 9.15
CA ASP B 39 -29.27 -18.61 7.70
C ASP B 39 -29.54 -20.01 7.17
N GLU B 40 -28.74 -20.99 7.58
CA GLU B 40 -29.05 -22.34 7.14
C GLU B 40 -29.72 -23.13 8.25
N PRO B 41 -30.73 -23.97 7.89
CA PRO B 41 -31.67 -24.53 8.88
C PRO B 41 -31.22 -24.56 10.33
N ASP B 42 -30.28 -25.45 10.64
CA ASP B 42 -29.73 -25.58 11.99
C ASP B 42 -28.60 -24.57 12.16
N GLU B 43 -28.96 -23.38 12.66
CA GLU B 43 -27.97 -22.33 12.85
C GLU B 43 -28.39 -21.44 14.00
N PHE B 44 -27.50 -21.29 14.98
CA PHE B 44 -27.75 -20.38 16.10
C PHE B 44 -27.77 -18.94 15.61
N LEU B 45 -28.21 -18.05 16.50
CA LEU B 45 -28.15 -16.61 16.30
C LEU B 45 -27.34 -16.00 17.43
N GLN B 46 -26.30 -15.25 17.07
CA GLN B 46 -25.41 -14.68 18.07
C GLN B 46 -24.88 -13.34 17.58
N ILE B 47 -24.40 -12.56 18.54
CA ILE B 47 -23.96 -11.19 18.28
C ILE B 47 -22.48 -11.21 17.95
N LYS B 48 -22.13 -10.62 16.80
CA LYS B 48 -20.72 -10.54 16.45
C LYS B 48 -20.08 -9.25 16.96
N SER B 49 -20.77 -8.12 16.80
CA SER B 49 -20.23 -6.84 17.24
C SER B 49 -21.34 -5.94 17.75
N LEU B 50 -20.95 -4.98 18.57
CA LEU B 50 -21.83 -3.96 19.12
C LEU B 50 -21.48 -2.61 18.48
N VAL B 51 -22.08 -1.55 19.02
CA VAL B 51 -21.79 -0.18 18.61
C VAL B 51 -21.39 0.60 19.85
N LEU B 52 -20.26 1.31 19.78
CA LEU B 52 -19.71 2.00 20.94
C LEU B 52 -20.75 2.91 21.58
N ASP B 53 -21.41 3.74 20.78
CA ASP B 53 -22.46 4.60 21.32
C ASP B 53 -23.72 3.80 21.64
N GLY B 54 -23.97 2.72 20.90
CA GLY B 54 -25.24 2.02 20.93
C GLY B 54 -25.72 1.55 22.29
N PRO B 55 -27.04 1.47 22.46
CA PRO B 55 -27.60 1.01 23.74
C PRO B 55 -27.06 -0.32 24.22
N ALA B 56 -26.82 -1.26 23.31
CA ALA B 56 -26.37 -2.59 23.70
C ALA B 56 -25.02 -2.52 24.43
N ALA B 57 -24.08 -1.74 23.89
CA ALA B 57 -22.78 -1.60 24.55
C ALA B 57 -22.89 -0.79 25.83
N LEU B 58 -23.73 0.24 25.83
CA LEU B 58 -23.87 1.06 27.03
C LEU B 58 -24.49 0.28 28.19
N ASP B 59 -25.34 -0.71 27.89
CA ASP B 59 -25.87 -1.55 28.96
C ASP B 59 -24.80 -2.46 29.54
N GLY B 60 -23.81 -2.84 28.74
CA GLY B 60 -22.73 -3.67 29.23
C GLY B 60 -22.98 -5.16 29.29
N LYS B 61 -24.15 -5.57 29.80
CA LYS B 61 -24.43 -6.99 30.00
C LYS B 61 -24.26 -7.79 28.71
N MET B 62 -24.53 -7.18 27.57
CA MET B 62 -24.35 -7.86 26.29
C MET B 62 -22.87 -7.95 25.96
N GLU B 63 -22.34 -9.17 25.92
CA GLU B 63 -21.02 -9.44 25.38
C GLU B 63 -21.17 -10.09 24.01
N THR B 64 -20.10 -9.99 23.22
CA THR B 64 -20.11 -10.57 21.88
C THR B 64 -19.93 -12.08 21.95
N GLY B 65 -20.47 -12.77 20.95
CA GLY B 65 -20.48 -14.21 20.92
C GLY B 65 -21.65 -14.84 21.63
N ASP B 66 -22.30 -14.12 22.55
CA ASP B 66 -23.44 -14.66 23.28
C ASP B 66 -24.52 -15.10 22.29
N VAL B 67 -25.25 -16.16 22.65
CA VAL B 67 -26.31 -16.69 21.80
C VAL B 67 -27.64 -16.07 22.22
N ILE B 68 -28.50 -15.81 21.24
CA ILE B 68 -29.82 -15.25 21.49
C ILE B 68 -30.81 -16.39 21.67
N VAL B 69 -31.28 -16.57 22.90
CA VAL B 69 -32.25 -17.62 23.18
C VAL B 69 -33.67 -17.12 23.01
N SER B 70 -34.01 -15.99 23.60
CA SER B 70 -35.35 -15.45 23.48
C SER B 70 -35.29 -13.93 23.39
N VAL B 71 -36.34 -13.38 22.79
CA VAL B 71 -36.52 -11.93 22.64
C VAL B 71 -37.91 -11.62 23.18
N ASN B 72 -37.97 -10.86 24.26
CA ASN B 72 -39.23 -10.49 24.91
C ASN B 72 -40.23 -11.64 24.99
N ASP B 73 -39.86 -12.68 25.75
CA ASP B 73 -40.71 -13.85 25.98
C ASP B 73 -40.71 -14.83 24.81
N THR B 74 -40.32 -14.41 23.60
CA THR B 74 -40.41 -15.30 22.44
C THR B 74 -39.07 -15.99 22.21
N CYS B 75 -39.03 -17.30 22.49
CA CYS B 75 -37.84 -18.08 22.17
C CYS B 75 -37.62 -18.06 20.67
N VAL B 76 -36.41 -17.68 20.26
CA VAL B 76 -36.03 -17.59 18.82
C VAL B 76 -34.96 -18.65 18.52
N LEU B 77 -34.86 -19.67 19.39
CA LEU B 77 -33.87 -20.76 19.19
C LEU B 77 -34.33 -21.63 18.02
N GLY B 78 -34.01 -21.22 16.79
CA GLY B 78 -34.41 -21.95 15.58
C GLY B 78 -35.15 -21.06 14.60
N HIS B 79 -35.30 -19.77 14.95
CA HIS B 79 -35.99 -18.84 14.06
C HIS B 79 -35.07 -18.43 12.92
N THR B 80 -35.67 -17.88 11.87
CA THR B 80 -34.90 -17.45 10.70
C THR B 80 -34.37 -16.04 10.89
N HIS B 81 -33.22 -15.78 10.26
CA HIS B 81 -32.61 -14.46 10.26
C HIS B 81 -33.61 -13.34 10.03
N ALA B 82 -34.42 -13.46 8.97
CA ALA B 82 -35.38 -12.41 8.65
C ALA B 82 -36.49 -12.31 9.68
N GLN B 83 -36.84 -13.42 10.34
CA GLN B 83 -37.90 -13.37 11.35
C GLN B 83 -37.46 -12.58 12.58
N VAL B 84 -36.24 -12.83 13.07
CA VAL B 84 -35.81 -12.16 14.28
C VAL B 84 -35.38 -10.72 13.97
N VAL B 85 -34.88 -10.45 12.77
CA VAL B 85 -34.56 -9.07 12.40
C VAL B 85 -35.82 -8.23 12.34
N LYS B 86 -36.91 -8.79 11.80
CA LYS B 86 -38.17 -8.06 11.76
C LYS B 86 -38.69 -7.77 13.16
N ILE B 87 -38.46 -8.70 14.11
CA ILE B 87 -38.81 -8.44 15.50
C ILE B 87 -38.14 -7.17 16.00
N PHE B 88 -36.85 -7.03 15.73
CA PHE B 88 -36.10 -5.89 16.26
C PHE B 88 -36.49 -4.58 15.57
N GLN B 89 -36.78 -4.63 14.27
CA GLN B 89 -37.14 -3.43 13.53
C GLN B 89 -38.58 -3.00 13.76
N SER B 90 -39.46 -3.92 14.16
CA SER B 90 -40.81 -3.54 14.50
C SER B 90 -40.90 -2.78 15.82
N ILE B 91 -39.84 -2.81 16.62
CA ILE B 91 -39.83 -2.06 17.88
C ILE B 91 -39.79 -0.57 17.58
N PRO B 92 -40.71 0.23 18.11
CA PRO B 92 -40.61 1.68 17.93
C PRO B 92 -39.50 2.26 18.78
N ILE B 93 -39.10 3.48 18.44
CA ILE B 93 -38.13 4.21 19.23
C ILE B 93 -38.69 4.45 20.63
N GLY B 94 -37.82 4.33 21.63
CA GLY B 94 -38.22 4.47 23.02
C GLY B 94 -38.76 3.20 23.63
N ALA B 95 -39.17 2.23 22.83
CA ALA B 95 -39.68 0.97 23.37
C ALA B 95 -38.54 0.07 23.81
N SER B 96 -38.83 -0.75 24.81
CA SER B 96 -37.84 -1.60 25.46
C SER B 96 -38.00 -3.04 25.01
N VAL B 97 -36.88 -3.75 24.95
CA VAL B 97 -36.86 -5.17 24.60
C VAL B 97 -36.00 -5.90 25.61
N ASP B 98 -36.41 -7.11 25.98
CA ASP B 98 -35.64 -7.99 26.85
C ASP B 98 -35.00 -9.09 26.01
N LEU B 99 -33.69 -9.26 26.15
CA LEU B 99 -32.94 -10.27 25.43
C LEU B 99 -32.41 -11.28 26.43
N GLU B 100 -32.74 -12.55 26.20
CA GLU B 100 -32.09 -13.64 26.92
C GLU B 100 -30.87 -14.07 26.13
N LEU B 101 -29.71 -13.97 26.76
CA LEU B 101 -28.43 -14.25 26.11
C LEU B 101 -27.77 -15.44 26.77
N CYS B 102 -27.39 -16.42 25.96
CA CYS B 102 -26.65 -17.60 26.41
C CYS B 102 -25.20 -17.40 26.00
N ARG B 103 -24.34 -17.08 26.96
CA ARG B 103 -22.91 -16.96 26.73
C ARG B 103 -22.20 -18.25 27.14
N GLY B 104 -21.20 -18.63 26.37
CA GLY B 104 -20.48 -19.86 26.60
C GLY B 104 -20.29 -20.65 25.32
N TYR B 105 -20.88 -20.14 24.23
CA TYR B 105 -20.82 -20.77 22.91
C TYR B 105 -20.18 -19.78 21.96
N PRO B 106 -18.86 -19.83 21.78
CA PRO B 106 -18.20 -18.89 20.88
C PRO B 106 -18.51 -19.18 19.42
N LEU B 107 -18.24 -18.19 18.58
CA LEU B 107 -18.52 -18.33 17.15
C LEU B 107 -17.43 -17.79 16.25
N GLY B 108 -16.43 -17.09 16.80
CA GLY B 108 -15.33 -16.58 16.01
C GLY B 108 -14.06 -17.41 16.08
N SER B 109 -14.09 -18.55 16.74
CA SER B 109 -12.90 -19.37 16.94
C SER B 109 -12.68 -20.29 15.75
N SER B 110 -11.44 -20.74 15.60
CA SER B 110 -11.10 -21.76 14.63
C SER B 110 -11.44 -23.14 15.19
N ALA B 111 -11.88 -24.03 14.32
CA ALA B 111 -12.20 -25.38 14.75
C ALA B 111 -10.95 -26.23 14.99
N TYR B 112 -9.75 -25.67 14.84
CA TYR B 112 -8.52 -26.44 14.86
C TYR B 112 -7.52 -25.98 15.90
N GLY B 113 -7.89 -25.04 16.77
CA GLY B 113 -7.07 -24.73 17.92
C GLY B 113 -7.12 -25.83 18.96
N SER B 114 -6.04 -25.96 19.73
CA SER B 114 -6.00 -26.96 20.77
C SER B 114 -6.57 -26.44 22.09
N VAL B 115 -6.47 -25.15 22.34
CA VAL B 115 -7.00 -24.53 23.54
C VAL B 115 -8.28 -23.80 23.18
N LYS B 116 -9.37 -24.15 23.85
CA LYS B 116 -10.67 -23.53 23.67
C LYS B 116 -10.98 -22.63 24.85
N ALA B 117 -12.01 -21.80 24.70
CA ALA B 117 -12.45 -20.94 25.79
C ALA B 117 -13.11 -21.76 26.88
N TYR B 118 -12.86 -21.37 28.13
CA TYR B 118 -13.39 -22.07 29.29
C TYR B 118 -14.88 -21.80 29.44
N THR B 119 -15.66 -22.87 29.65
CA THR B 119 -17.12 -22.77 29.66
C THR B 119 -17.64 -21.92 30.81
N ASN B 120 -17.52 -22.41 32.05
CA ASN B 120 -17.98 -21.68 33.23
C ASN B 120 -16.90 -20.68 33.67
N PHE B 121 -16.75 -19.64 32.85
CA PHE B 121 -15.64 -18.70 33.04
C PHE B 121 -15.98 -17.65 34.09
N ASP B 122 -15.04 -17.43 35.00
CA ASP B 122 -15.14 -16.39 36.03
C ASP B 122 -13.75 -15.75 36.16
N ALA B 123 -13.61 -14.54 35.60
CA ALA B 123 -12.30 -13.88 35.58
C ALA B 123 -11.85 -13.48 36.97
N GLU B 124 -12.76 -12.96 37.79
CA GLU B 124 -12.39 -12.49 39.12
C GLU B 124 -11.86 -13.62 39.98
N ARG B 125 -12.49 -14.80 39.92
CA ARG B 125 -11.99 -15.96 40.66
C ARG B 125 -10.60 -16.38 40.15
N ASP B 126 -10.42 -16.42 38.83
CA ASP B 126 -9.12 -16.80 38.29
C ASP B 126 -8.05 -15.79 38.67
N ALA B 127 -8.39 -14.50 38.67
CA ALA B 127 -7.44 -13.50 39.14
C ALA B 127 -7.08 -13.73 40.60
N LEU B 128 -8.07 -14.09 41.42
CA LEU B 128 -7.82 -14.37 42.83
C LEU B 128 -6.98 -15.64 42.98
N ASN B 129 -7.36 -16.71 42.29
CA ASN B 129 -6.61 -17.96 42.36
C ASN B 129 -5.17 -17.77 41.93
N ILE B 130 -4.94 -16.94 40.92
CA ILE B 130 -3.57 -16.70 40.46
C ILE B 130 -2.81 -15.85 41.45
N GLU B 131 -3.49 -14.88 42.08
CA GLU B 131 -2.83 -14.07 43.10
C GLU B 131 -2.45 -14.91 44.31
N THR B 132 -3.34 -15.83 44.72
CA THR B 132 -2.98 -16.76 45.78
C THR B 132 -1.85 -17.67 45.34
N ALA B 133 -1.87 -18.11 44.08
CA ALA B 133 -0.80 -18.95 43.57
C ALA B 133 0.53 -18.20 43.53
N ILE B 134 0.49 -16.91 43.19
CA ILE B 134 1.72 -16.11 43.17
C ILE B 134 2.22 -15.87 44.59
N LYS B 135 1.31 -15.46 45.48
CA LYS B 135 1.68 -15.12 46.86
C LYS B 135 2.23 -16.31 47.64
N THR B 136 1.86 -17.53 47.27
CA THR B 136 2.28 -18.73 48.00
C THR B 136 3.80 -18.77 48.14
N LYS B 137 4.26 -19.18 49.33
CA LYS B 137 5.68 -19.44 49.56
C LYS B 137 6.22 -20.40 48.51
N GLY B 138 7.24 -19.97 47.77
CA GLY B 138 7.82 -20.77 46.71
C GLY B 138 7.12 -20.68 45.38
N VAL B 139 5.94 -20.06 45.32
CA VAL B 139 5.15 -19.84 44.11
C VAL B 139 4.55 -21.15 43.61
N ASP B 140 3.21 -21.21 43.56
CA ASP B 140 2.47 -22.38 43.08
C ASP B 140 2.38 -22.28 41.57
N GLU B 141 3.45 -22.70 40.91
CA GLU B 141 3.50 -22.63 39.45
C GLU B 141 2.41 -23.48 38.81
N VAL B 142 2.14 -24.65 39.38
CA VAL B 142 1.20 -25.60 38.78
C VAL B 142 -0.18 -24.97 38.63
N THR B 143 -0.64 -24.27 39.67
CA THR B 143 -1.95 -23.62 39.59
C THR B 143 -1.97 -22.55 38.50
N ILE B 144 -0.91 -21.73 38.43
CA ILE B 144 -0.87 -20.68 37.42
C ILE B 144 -0.89 -21.28 36.02
N VAL B 145 -0.19 -22.39 35.83
CA VAL B 145 -0.18 -23.06 34.53
C VAL B 145 -1.52 -23.74 34.26
N ASN B 146 -2.10 -24.38 35.28
CA ASN B 146 -3.38 -25.04 35.10
C ASN B 146 -4.47 -24.06 34.67
N ILE B 147 -4.35 -22.80 35.08
CA ILE B 147 -5.36 -21.81 34.73
C ILE B 147 -5.11 -21.24 33.33
N LEU B 148 -3.94 -20.64 33.13
CA LEU B 148 -3.72 -19.81 31.94
C LEU B 148 -3.70 -20.63 30.66
N THR B 149 -3.21 -21.87 30.70
CA THR B 149 -3.18 -22.69 29.50
C THR B 149 -4.53 -23.32 29.17
N ASN B 150 -5.51 -23.23 30.06
CA ASN B 150 -6.85 -23.72 29.77
C ASN B 150 -7.86 -22.60 29.64
N ARG B 151 -7.39 -21.37 29.39
CA ARG B 151 -8.24 -20.25 29.06
C ARG B 151 -7.89 -19.75 27.66
N SER B 152 -8.90 -19.27 26.94
CA SER B 152 -8.63 -18.66 25.65
C SER B 152 -7.90 -17.34 25.85
N ASN B 153 -7.26 -16.85 24.78
CA ASN B 153 -6.50 -15.61 24.88
C ASN B 153 -7.39 -14.46 25.34
N GLU B 154 -8.58 -14.34 24.75
CA GLU B 154 -9.53 -13.34 25.21
C GLU B 154 -9.86 -13.52 26.68
N GLN B 155 -10.05 -14.77 27.12
CA GLN B 155 -10.31 -15.01 28.54
C GLN B 155 -9.11 -14.62 29.39
N ARG B 156 -7.90 -14.75 28.85
CA ARG B 156 -6.71 -14.31 29.58
C ARG B 156 -6.62 -12.79 29.64
N GLN B 157 -7.21 -12.10 28.65
CA GLN B 157 -7.24 -10.65 28.70
C GLN B 157 -8.16 -10.16 29.82
N ASP B 158 -9.25 -10.89 30.08
CA ASP B 158 -10.17 -10.50 31.14
C ASP B 158 -9.59 -10.81 32.52
N ILE B 159 -8.75 -11.85 32.61
CA ILE B 159 -8.09 -12.15 33.87
C ILE B 159 -7.07 -11.07 34.21
N ALA B 160 -6.35 -10.57 33.19
CA ALA B 160 -5.37 -9.51 33.42
C ALA B 160 -6.06 -8.24 33.92
N PHE B 161 -7.23 -7.92 33.37
CA PHE B 161 -8.00 -6.78 33.86
C PHE B 161 -8.44 -7.01 35.30
N ALA B 162 -9.06 -8.17 35.57
CA ALA B 162 -9.55 -8.46 36.92
C ALA B 162 -8.42 -8.52 37.93
N TYR B 163 -7.23 -8.99 37.52
CA TYR B 163 -6.09 -9.01 38.43
C TYR B 163 -5.59 -7.60 38.71
N GLN B 164 -5.48 -6.77 37.68
CA GLN B 164 -5.13 -5.36 37.90
C GLN B 164 -6.23 -4.66 38.68
N ARG B 165 -7.50 -5.03 38.43
CA ARG B 165 -8.62 -4.45 39.17
C ARG B 165 -8.64 -4.90 40.62
N ARG B 166 -7.93 -5.98 40.96
CA ARG B 166 -7.94 -6.52 42.31
C ARG B 166 -6.63 -6.34 43.06
N THR B 167 -5.53 -6.12 42.34
CA THR B 167 -4.22 -5.90 42.98
C THR B 167 -3.66 -4.50 42.77
N LYS B 168 -4.18 -3.74 41.80
CA LYS B 168 -3.54 -2.54 41.28
C LYS B 168 -2.15 -2.83 40.75
N LYS B 169 -1.88 -4.10 40.43
CA LYS B 169 -0.60 -4.56 39.94
C LYS B 169 -0.83 -5.37 38.67
N GLU B 170 -0.09 -5.06 37.62
CA GLU B 170 -0.29 -5.72 36.34
C GLU B 170 0.12 -7.19 36.42
N LEU B 171 -0.71 -8.06 35.83
CA LEU B 171 -0.49 -9.49 35.94
C LEU B 171 0.85 -9.89 35.34
N ALA B 172 1.21 -9.31 34.18
CA ALA B 172 2.47 -9.65 33.53
C ALA B 172 3.68 -9.21 34.35
N SER B 173 3.59 -8.07 35.03
CA SER B 173 4.69 -7.66 35.90
C SER B 173 4.84 -8.60 37.08
N ALA B 174 3.73 -8.96 37.71
CA ALA B 174 3.78 -9.90 38.82
C ALA B 174 4.30 -11.26 38.36
N LEU B 175 3.77 -11.77 37.25
CA LEU B 175 4.18 -13.09 36.77
C LEU B 175 5.61 -13.09 36.27
N LYS B 176 6.12 -11.95 35.81
CA LYS B 176 7.54 -11.89 35.44
C LYS B 176 8.42 -12.04 36.67
N SER B 177 8.03 -11.45 37.80
CA SER B 177 8.86 -11.53 38.99
C SER B 177 8.80 -12.91 39.63
N ALA B 178 7.68 -13.63 39.45
CA ALA B 178 7.47 -14.90 40.15
C ALA B 178 7.96 -16.11 39.38
N LEU B 179 8.01 -16.04 38.05
CA LEU B 179 8.40 -17.17 37.23
C LEU B 179 9.81 -16.98 36.69
N SER B 180 10.39 -18.06 36.19
CA SER B 180 11.76 -18.04 35.72
C SER B 180 11.91 -18.97 34.53
N GLY B 181 13.02 -18.81 33.82
CA GLY B 181 13.37 -19.72 32.74
C GLY B 181 12.37 -19.70 31.61
N HIS B 182 12.15 -20.88 31.03
CA HIS B 182 11.27 -21.00 29.87
C HIS B 182 9.80 -20.96 30.26
N LEU B 183 9.46 -21.39 31.48
CA LEU B 183 8.07 -21.26 31.93
C LEU B 183 7.64 -19.80 31.91
N GLU B 184 8.53 -18.90 32.36
CA GLU B 184 8.24 -17.47 32.27
C GLU B 184 7.96 -17.06 30.84
N THR B 185 8.84 -17.44 29.91
CA THR B 185 8.69 -17.03 28.51
C THR B 185 7.35 -17.49 27.95
N VAL B 186 6.96 -18.73 28.25
CA VAL B 186 5.68 -19.25 27.77
C VAL B 186 4.52 -18.44 28.33
N ILE B 187 4.49 -18.25 29.66
CA ILE B 187 3.37 -17.58 30.29
C ILE B 187 3.26 -16.13 29.84
N LEU B 188 4.40 -15.43 29.76
CA LEU B 188 4.37 -14.05 29.31
C LEU B 188 3.84 -13.94 27.88
N GLY B 189 4.20 -14.89 27.02
CA GLY B 189 3.69 -14.87 25.66
C GLY B 189 2.20 -15.15 25.58
N LEU B 190 1.72 -16.13 26.34
CA LEU B 190 0.29 -16.42 26.35
C LEU B 190 -0.53 -15.24 26.83
N LEU B 191 0.06 -14.32 27.59
CA LEU B 191 -0.70 -13.19 28.12
C LEU B 191 -0.86 -12.06 27.11
N LYS B 192 -0.04 -12.01 26.08
CA LYS B 192 -0.20 -11.00 25.05
C LYS B 192 -1.32 -11.40 24.09
N THR B 193 -1.98 -10.40 23.53
CA THR B 193 -2.89 -10.65 22.43
C THR B 193 -2.10 -11.16 21.24
N PRO B 194 -2.73 -11.91 20.33
CA PRO B 194 -1.98 -12.46 19.18
C PRO B 194 -1.20 -11.41 18.40
N ALA B 195 -1.75 -10.20 18.24
CA ALA B 195 -1.02 -9.15 17.54
C ALA B 195 0.12 -8.63 18.40
N GLN B 196 -0.13 -8.41 19.70
CA GLN B 196 0.92 -7.96 20.61
C GLN B 196 2.08 -8.95 20.65
N TYR B 197 1.77 -10.24 20.72
CA TYR B 197 2.82 -11.24 20.79
C TYR B 197 3.66 -11.25 19.52
N ASP B 198 3.01 -11.29 18.35
CA ASP B 198 3.74 -11.24 17.09
C ASP B 198 4.54 -9.93 16.99
N ALA B 199 3.91 -8.81 17.33
CA ALA B 199 4.62 -7.54 17.32
C ALA B 199 5.86 -7.61 18.20
N SER B 200 5.72 -8.14 19.42
CA SER B 200 6.86 -8.18 20.33
C SER B 200 7.94 -9.14 19.86
N GLU B 201 7.55 -10.30 19.31
CA GLU B 201 8.54 -11.22 18.76
C GLU B 201 9.26 -10.60 17.58
N LEU B 202 8.57 -9.79 16.78
CA LEU B 202 9.21 -9.12 15.66
C LEU B 202 10.27 -8.13 16.13
N LYS B 203 9.86 -7.18 16.98
CA LYS B 203 10.81 -6.20 17.51
C LYS B 203 11.99 -6.88 18.21
N ALA B 204 11.75 -8.02 18.87
CA ALA B 204 12.84 -8.75 19.50
C ALA B 204 13.82 -9.27 18.46
N SER B 205 13.33 -9.76 17.32
CA SER B 205 14.21 -10.29 16.29
C SER B 205 15.07 -9.23 15.63
N MET B 206 14.85 -7.95 15.94
CA MET B 206 15.62 -6.84 15.38
C MET B 206 16.34 -6.06 16.47
N LYS B 207 16.56 -6.68 17.63
CA LYS B 207 17.27 -6.03 18.73
C LYS B 207 18.76 -6.13 18.49
N GLY B 208 19.43 -4.98 18.38
CA GLY B 208 20.85 -4.95 18.13
C GLY B 208 21.17 -5.03 16.65
N LEU B 209 22.48 -4.90 16.37
CA LEU B 209 22.94 -4.91 14.97
C LEU B 209 22.53 -6.20 14.26
N GLY B 210 22.96 -7.34 14.78
CA GLY B 210 22.54 -8.60 14.22
C GLY B 210 21.04 -8.82 14.38
N THR B 211 20.44 -9.50 13.41
CA THR B 211 19.02 -9.77 13.41
C THR B 211 18.78 -11.27 13.36
N ASP B 212 17.70 -11.70 14.02
CA ASP B 212 17.25 -13.10 13.99
C ASP B 212 16.36 -13.26 12.77
N GLU B 213 17.01 -13.41 11.61
CA GLU B 213 16.27 -13.50 10.35
C GLU B 213 15.27 -14.65 10.38
N ASP B 214 15.66 -15.78 10.98
CA ASP B 214 14.77 -16.95 10.99
C ASP B 214 13.46 -16.65 11.71
N SER B 215 13.52 -15.89 12.82
CA SER B 215 12.29 -15.50 13.50
C SER B 215 11.51 -14.49 12.68
N LEU B 216 12.21 -13.52 12.10
CA LEU B 216 11.57 -12.55 11.21
C LEU B 216 10.85 -13.26 10.06
N ILE B 217 11.53 -14.25 9.45
CA ILE B 217 10.96 -14.94 8.30
C ILE B 217 9.76 -15.76 8.71
N GLU B 218 9.86 -16.48 9.83
CA GLU B 218 8.77 -17.36 10.27
C GLU B 218 7.48 -16.59 10.45
N ILE B 219 7.56 -15.42 11.09
CA ILE B 219 6.37 -14.64 11.36
C ILE B 219 5.82 -14.03 10.07
N ILE B 220 6.68 -13.36 9.30
CA ILE B 220 6.23 -12.63 8.12
C ILE B 220 5.70 -13.57 7.04
N CYS B 221 6.25 -14.78 6.93
CA CYS B 221 5.82 -15.69 5.86
C CYS B 221 4.53 -16.42 6.22
N SER B 222 4.23 -16.58 7.51
CA SER B 222 3.11 -17.43 7.92
C SER B 222 1.83 -16.68 8.26
N ARG B 223 1.90 -15.37 8.47
CA ARG B 223 0.74 -14.61 8.91
C ARG B 223 -0.10 -14.13 7.73
N THR B 224 -1.41 -14.05 7.94
CA THR B 224 -2.36 -13.66 6.92
C THR B 224 -2.51 -12.15 6.87
N ASN B 225 -3.24 -11.67 5.85
CA ASN B 225 -3.48 -10.24 5.70
C ASN B 225 -4.15 -9.67 6.95
N GLN B 226 -5.26 -10.27 7.36
CA GLN B 226 -5.98 -9.81 8.54
C GLN B 226 -5.05 -9.78 9.76
N GLU B 227 -4.21 -10.80 9.91
CA GLU B 227 -3.26 -10.84 11.00
C GLU B 227 -2.19 -9.77 10.86
N LEU B 228 -1.71 -9.54 9.63
CA LEU B 228 -0.66 -8.55 9.43
C LEU B 228 -1.21 -7.13 9.57
N GLN B 229 -2.46 -6.89 9.15
CA GLN B 229 -3.09 -5.60 9.38
C GLN B 229 -3.05 -5.23 10.85
N GLU B 230 -3.43 -6.17 11.72
CA GLU B 230 -3.46 -5.89 13.16
C GLU B 230 -2.06 -5.80 13.74
N ILE B 231 -1.11 -6.58 13.21
CA ILE B 231 0.27 -6.49 13.68
C ILE B 231 0.84 -5.11 13.39
N ASN B 232 0.62 -4.60 12.18
CA ASN B 232 1.16 -3.28 11.81
C ASN B 232 0.57 -2.18 12.68
N ARG B 233 -0.71 -2.27 12.99
CA ARG B 233 -1.34 -1.30 13.87
C ARG B 233 -0.81 -1.42 15.30
N VAL B 234 -0.73 -2.65 15.81
CA VAL B 234 -0.26 -2.88 17.17
C VAL B 234 1.23 -2.58 17.30
N TYR B 235 2.02 -2.83 16.25
CA TYR B 235 3.44 -2.57 16.33
C TYR B 235 3.72 -1.08 16.54
N LYS B 236 3.06 -0.22 15.76
CA LYS B 236 3.25 1.21 15.92
C LYS B 236 2.70 1.70 17.25
N GLU B 237 1.59 1.12 17.70
CA GLU B 237 1.02 1.50 18.97
C GLU B 237 1.97 1.19 20.12
N MET B 238 2.69 0.07 20.04
CA MET B 238 3.60 -0.33 21.10
C MET B 238 4.94 0.41 21.00
N TYR B 239 5.54 0.43 19.81
CA TYR B 239 6.90 0.90 19.63
C TYR B 239 6.99 2.26 18.94
N LYS B 240 5.85 2.92 18.70
CA LYS B 240 5.82 4.30 18.22
C LYS B 240 6.62 4.48 16.93
N THR B 241 6.73 3.41 16.14
CA THR B 241 7.35 3.44 14.83
C THR B 241 6.70 2.37 13.97
N ASP B 242 6.58 2.67 12.67
CA ASP B 242 5.96 1.72 11.76
C ASP B 242 6.79 0.45 11.65
N LEU B 243 6.11 -0.69 11.62
CA LEU B 243 6.82 -1.97 11.47
C LEU B 243 7.63 -2.00 10.18
N GLU B 244 7.11 -1.39 9.12
CA GLU B 244 7.83 -1.35 7.85
C GLU B 244 9.16 -0.62 8.00
N LYS B 245 9.16 0.51 8.72
CA LYS B 245 10.38 1.31 8.85
C LYS B 245 11.50 0.51 9.51
N ASP B 246 11.19 -0.21 10.59
CA ASP B 246 12.21 -1.01 11.26
C ASP B 246 12.73 -2.13 10.37
N ILE B 247 11.87 -2.72 9.53
CA ILE B 247 12.31 -3.80 8.64
C ILE B 247 13.30 -3.27 7.61
N ILE B 248 12.97 -2.12 7.00
CA ILE B 248 13.90 -1.45 6.09
C ILE B 248 15.27 -1.30 6.73
N SER B 249 15.29 -0.95 8.02
CA SER B 249 16.55 -0.64 8.69
C SER B 249 17.40 -1.88 8.89
N ASP B 250 16.79 -2.98 9.32
CA ASP B 250 17.54 -4.16 9.72
C ASP B 250 17.72 -5.18 8.60
N THR B 251 17.17 -4.92 7.41
CA THR B 251 17.32 -5.82 6.27
C THR B 251 17.86 -5.02 5.09
N SER B 252 18.19 -5.74 4.01
CA SER B 252 18.73 -5.11 2.81
C SER B 252 18.49 -6.03 1.62
N GLY B 253 18.71 -5.47 0.42
CA GLY B 253 18.67 -6.20 -0.82
C GLY B 253 17.30 -6.81 -1.11
N ASP B 254 17.33 -7.86 -1.94
CA ASP B 254 16.07 -8.49 -2.35
C ASP B 254 15.36 -9.12 -1.16
N PHE B 255 16.10 -9.49 -0.12
CA PHE B 255 15.45 -9.96 1.11
C PHE B 255 14.59 -8.88 1.72
N ARG B 256 15.06 -7.63 1.68
CA ARG B 256 14.28 -6.51 2.22
C ARG B 256 12.99 -6.32 1.44
N LYS B 257 13.08 -6.34 0.11
CA LYS B 257 11.88 -6.18 -0.72
C LYS B 257 10.85 -7.26 -0.42
N LEU B 258 11.31 -8.51 -0.29
CA LEU B 258 10.39 -9.61 -0.04
C LEU B 258 9.70 -9.46 1.31
N MET B 259 10.47 -9.13 2.35
CA MET B 259 9.89 -8.95 3.68
C MET B 259 8.94 -7.76 3.70
N VAL B 260 9.31 -6.65 3.05
CA VAL B 260 8.46 -5.47 3.05
C VAL B 260 7.15 -5.76 2.32
N ALA B 261 7.23 -6.45 1.18
CA ALA B 261 6.02 -6.77 0.42
C ALA B 261 5.10 -7.70 1.20
N LEU B 262 5.68 -8.75 1.80
CA LEU B 262 4.89 -9.67 2.60
C LEU B 262 4.26 -8.96 3.79
N ALA B 263 5.06 -8.16 4.51
CA ALA B 263 4.56 -7.51 5.72
C ALA B 263 3.43 -6.54 5.44
N LYS B 264 3.25 -6.12 4.19
CA LYS B 264 2.14 -5.22 3.86
C LYS B 264 0.79 -5.88 4.04
N GLY B 265 0.73 -7.21 3.92
CA GLY B 265 -0.54 -7.90 4.06
C GLY B 265 -1.58 -7.43 3.07
N ARG B 266 -1.17 -7.15 1.83
CA ARG B 266 -2.07 -6.73 0.76
C ARG B 266 -2.18 -7.79 -0.32
N ARG B 267 -1.93 -9.05 0.03
CA ARG B 267 -2.20 -10.16 -0.86
C ARG B 267 -3.66 -10.13 -1.27
N ALA B 268 -3.93 -10.52 -2.53
CA ALA B 268 -5.29 -10.60 -3.01
C ALA B 268 -6.05 -11.71 -2.27
N GLU B 269 -7.29 -11.39 -1.86
CA GLU B 269 -8.12 -12.38 -1.20
C GLU B 269 -8.49 -13.50 -2.19
N ASP B 270 -8.92 -14.63 -1.64
N ASP B 270 -8.89 -14.65 -1.64
CA ASP B 270 -9.21 -15.81 -2.45
CA ASP B 270 -9.19 -15.81 -2.47
C ASP B 270 -10.30 -15.51 -3.48
C ASP B 270 -10.28 -15.47 -3.47
N GLY B 271 -9.95 -15.62 -4.75
CA GLY B 271 -10.88 -15.24 -5.80
C GLY B 271 -12.12 -16.13 -5.80
N SER B 272 -13.25 -15.52 -6.16
CA SER B 272 -14.48 -16.30 -6.32
C SER B 272 -14.29 -17.39 -7.37
N VAL B 273 -13.58 -17.07 -8.45
CA VAL B 273 -13.41 -17.97 -9.58
C VAL B 273 -11.96 -18.43 -9.62
N ILE B 274 -11.77 -19.67 -10.07
CA ILE B 274 -10.42 -20.18 -10.34
C ILE B 274 -9.97 -19.65 -11.69
N ASP B 275 -8.85 -18.93 -11.69
CA ASP B 275 -8.33 -18.27 -12.87
C ASP B 275 -7.26 -19.17 -13.51
N TYR B 276 -7.75 -20.15 -14.29
CA TYR B 276 -6.84 -21.11 -14.91
C TYR B 276 -5.86 -20.43 -15.85
N GLU B 277 -6.31 -19.42 -16.58
CA GLU B 277 -5.40 -18.71 -17.47
C GLU B 277 -4.28 -18.05 -16.68
N LEU B 278 -4.63 -17.38 -15.57
CA LEU B 278 -3.62 -16.73 -14.75
C LEU B 278 -2.73 -17.76 -14.06
N ILE B 279 -3.29 -18.91 -13.69
CA ILE B 279 -2.50 -19.97 -13.05
C ILE B 279 -1.37 -20.41 -13.98
N ASP B 280 -1.71 -20.72 -15.23
CA ASP B 280 -0.70 -21.12 -16.20
C ASP B 280 0.28 -19.98 -16.46
N GLN B 281 -0.24 -18.76 -16.63
CA GLN B 281 0.62 -17.62 -16.92
C GLN B 281 1.64 -17.41 -15.81
N ASP B 282 1.19 -17.47 -14.55
CA ASP B 282 2.10 -17.28 -13.42
C ASP B 282 3.15 -18.38 -13.37
N ALA B 283 2.72 -19.64 -13.57
CA ALA B 283 3.66 -20.76 -13.56
C ALA B 283 4.72 -20.59 -14.65
N ARG B 284 4.29 -20.22 -15.86
CA ARG B 284 5.24 -19.97 -16.93
C ARG B 284 6.14 -18.80 -16.58
N ASP B 285 5.56 -17.74 -16.02
CA ASP B 285 6.37 -16.57 -15.63
C ASP B 285 7.40 -16.95 -14.58
N LEU B 286 6.99 -17.72 -13.57
CA LEU B 286 7.94 -18.18 -12.56
C LEU B 286 9.07 -18.97 -13.20
N TYR B 287 8.74 -19.83 -14.17
CA TYR B 287 9.76 -20.59 -14.89
C TYR B 287 10.71 -19.65 -15.63
N ASP B 288 10.15 -18.79 -16.49
CA ASP B 288 10.97 -17.87 -17.27
C ASP B 288 11.86 -17.01 -16.39
N ALA B 289 11.40 -16.65 -15.19
CA ALA B 289 12.16 -15.75 -14.33
C ALA B 289 13.27 -16.45 -13.56
N GLY B 290 13.33 -17.78 -13.59
CA GLY B 290 14.30 -18.48 -12.77
C GLY B 290 15.06 -19.58 -13.48
N VAL B 291 14.46 -20.77 -13.54
CA VAL B 291 15.20 -21.98 -13.92
C VAL B 291 15.46 -22.00 -15.43
N LYS B 292 14.51 -21.52 -16.23
CA LYS B 292 14.67 -21.54 -17.68
C LYS B 292 15.94 -20.82 -18.13
N ARG B 293 16.33 -19.78 -17.40
CA ARG B 293 17.40 -18.88 -17.82
C ARG B 293 18.55 -18.91 -16.82
N LYS B 294 19.70 -18.41 -17.28
CA LYS B 294 20.78 -18.05 -16.38
C LYS B 294 20.44 -16.73 -15.72
N GLY B 295 20.63 -16.66 -14.40
CA GLY B 295 20.18 -15.53 -13.62
C GLY B 295 18.76 -15.71 -13.12
N THR B 296 18.32 -14.77 -12.29
CA THR B 296 16.99 -14.84 -11.69
C THR B 296 16.36 -13.46 -11.70
N ASP B 297 15.17 -13.34 -12.30
CA ASP B 297 14.34 -12.15 -12.18
C ASP B 297 13.57 -12.25 -10.87
N VAL B 298 14.22 -11.81 -9.79
CA VAL B 298 13.67 -11.90 -8.45
C VAL B 298 12.42 -11.05 -8.26
N PRO B 299 12.36 -9.81 -8.78
CA PRO B 299 11.11 -9.03 -8.62
C PRO B 299 9.87 -9.73 -9.17
N LYS B 300 10.01 -10.50 -10.26
CA LYS B 300 8.87 -11.26 -10.76
C LYS B 300 8.45 -12.33 -9.76
N TRP B 301 9.43 -13.00 -9.16
CA TRP B 301 9.14 -13.98 -8.13
C TRP B 301 8.44 -13.33 -6.94
N ILE B 302 9.01 -12.23 -6.43
CA ILE B 302 8.40 -11.53 -5.31
C ILE B 302 6.97 -11.12 -5.65
N SER B 303 6.78 -10.51 -6.82
CA SER B 303 5.47 -10.01 -7.20
C SER B 303 4.43 -11.12 -7.22
N ILE B 304 4.76 -12.25 -7.82
CA ILE B 304 3.78 -13.33 -7.97
C ILE B 304 3.48 -13.98 -6.62
N MET B 305 4.53 -14.25 -5.83
CA MET B 305 4.32 -14.99 -4.59
C MET B 305 3.75 -14.12 -3.47
N THR B 306 3.78 -12.79 -3.61
CA THR B 306 3.21 -11.91 -2.59
C THR B 306 1.84 -11.37 -2.95
N GLU B 307 1.46 -11.37 -4.22
CA GLU B 307 0.23 -10.72 -4.62
C GLU B 307 -0.91 -11.67 -4.94
N ARG B 308 -0.63 -12.92 -5.30
CA ARG B 308 -1.68 -13.86 -5.62
C ARG B 308 -2.23 -14.52 -4.36
N SER B 309 -3.50 -14.88 -4.40
CA SER B 309 -4.11 -15.59 -3.29
C SER B 309 -3.39 -16.91 -3.05
N VAL B 310 -3.41 -17.36 -1.80
CA VAL B 310 -2.78 -18.63 -1.46
C VAL B 310 -3.37 -19.81 -2.27
N PRO B 311 -4.69 -19.93 -2.39
CA PRO B 311 -5.20 -21.05 -3.21
C PRO B 311 -4.73 -20.98 -4.66
N HIS B 312 -4.56 -19.78 -5.19
CA HIS B 312 -4.08 -19.64 -6.56
C HIS B 312 -2.62 -20.09 -6.68
N LEU B 313 -1.78 -19.63 -5.74
CA LEU B 313 -0.37 -19.99 -5.75
C LEU B 313 -0.16 -21.48 -5.54
N GLN B 314 -1.04 -22.13 -4.76
CA GLN B 314 -0.99 -23.58 -4.66
C GLN B 314 -1.13 -24.22 -6.04
N LYS B 315 -2.13 -23.78 -6.81
CA LYS B 315 -2.33 -24.33 -8.15
C LYS B 315 -1.23 -23.89 -9.12
N VAL B 316 -0.70 -22.68 -8.93
CA VAL B 316 0.42 -22.22 -9.76
C VAL B 316 1.62 -23.13 -9.57
N PHE B 317 1.93 -23.46 -8.32
CA PHE B 317 3.09 -24.31 -8.04
C PHE B 317 2.92 -25.71 -8.61
N ASP B 318 1.68 -26.20 -8.71
CA ASP B 318 1.44 -27.50 -9.34
C ASP B 318 1.64 -27.41 -10.85
N ARG B 319 0.97 -26.45 -11.49
CA ARG B 319 1.16 -26.22 -12.92
C ARG B 319 2.62 -25.92 -13.23
N TYR B 320 3.36 -25.39 -12.25
CA TYR B 320 4.77 -25.08 -12.44
C TYR B 320 5.59 -26.34 -12.71
N LYS B 321 5.21 -27.46 -12.11
CA LYS B 321 5.93 -28.70 -12.40
C LYS B 321 5.76 -29.16 -13.85
N SER B 322 4.80 -28.60 -14.58
CA SER B 322 4.63 -28.91 -15.99
C SER B 322 5.61 -28.16 -16.89
N TYR B 323 6.23 -27.10 -16.37
CA TYR B 323 7.28 -26.38 -17.08
C TYR B 323 8.67 -26.70 -16.56
N SER B 324 8.81 -27.02 -15.28
CA SER B 324 10.12 -27.11 -14.69
C SER B 324 10.42 -28.54 -14.25
N PRO B 325 11.65 -29.01 -14.43
CA PRO B 325 12.03 -30.32 -13.89
C PRO B 325 12.18 -30.30 -12.38
N TYR B 326 12.35 -29.13 -11.78
CA TYR B 326 12.41 -28.97 -10.33
C TYR B 326 11.11 -28.34 -9.84
N ASP B 327 10.63 -28.79 -8.70
CA ASP B 327 9.44 -28.16 -8.14
C ASP B 327 9.84 -26.79 -7.57
N MET B 328 8.85 -26.09 -7.00
CA MET B 328 9.11 -24.72 -6.58
C MET B 328 10.20 -24.65 -5.53
N LEU B 329 10.18 -25.57 -4.56
CA LEU B 329 11.19 -25.56 -3.50
C LEU B 329 12.59 -25.83 -4.05
N GLU B 330 12.73 -26.88 -4.86
CA GLU B 330 14.03 -27.18 -5.46
C GLU B 330 14.47 -26.06 -6.40
N SER B 331 13.52 -25.45 -7.11
CA SER B 331 13.86 -24.31 -7.94
C SER B 331 14.38 -23.15 -7.12
N ILE B 332 13.84 -22.97 -5.91
CA ILE B 332 14.31 -21.89 -5.04
C ILE B 332 15.74 -22.14 -4.59
N ARG B 333 16.05 -23.38 -4.21
CA ARG B 333 17.41 -23.70 -3.78
C ARG B 333 18.41 -23.47 -4.91
N LYS B 334 18.04 -23.81 -6.14
CA LYS B 334 19.00 -23.72 -7.25
C LYS B 334 19.15 -22.32 -7.80
N GLU B 335 18.16 -21.44 -7.61
CA GLU B 335 18.17 -20.13 -8.23
C GLU B 335 18.68 -19.01 -7.34
N VAL B 336 18.68 -19.18 -6.02
CA VAL B 336 18.91 -18.08 -5.10
C VAL B 336 19.50 -18.61 -3.80
N LYS B 337 20.03 -17.71 -2.96
CA LYS B 337 20.81 -18.11 -1.80
C LYS B 337 20.52 -17.19 -0.60
N GLY B 338 21.07 -17.58 0.55
CA GLY B 338 21.08 -16.77 1.76
C GLY B 338 19.71 -16.57 2.38
N ASP B 339 19.51 -15.37 2.95
CA ASP B 339 18.25 -15.04 3.61
C ASP B 339 17.10 -15.00 2.62
N LEU B 340 17.36 -14.51 1.41
CA LEU B 340 16.33 -14.53 0.37
C LEU B 340 15.86 -15.95 0.12
N GLU B 341 16.80 -16.90 0.03
CA GLU B 341 16.43 -18.29 -0.19
C GLU B 341 15.63 -18.85 0.98
N ASN B 342 16.13 -18.64 2.19
CA ASN B 342 15.41 -19.07 3.38
C ASN B 342 14.00 -18.49 3.39
N ALA B 343 13.88 -17.19 3.09
CA ALA B 343 12.57 -16.54 3.08
C ALA B 343 11.65 -17.18 2.05
N PHE B 344 12.14 -17.34 0.82
CA PHE B 344 11.34 -17.98 -0.21
C PHE B 344 10.91 -19.38 0.22
N LEU B 345 11.89 -20.22 0.62
CA LEU B 345 11.58 -21.57 1.05
C LEU B 345 10.49 -21.59 2.12
N ASN B 346 10.58 -20.69 3.10
CA ASN B 346 9.54 -20.63 4.13
C ASN B 346 8.21 -20.23 3.52
N LEU B 347 8.20 -19.20 2.68
CA LEU B 347 6.94 -18.70 2.13
C LEU B 347 6.20 -19.79 1.37
N VAL B 348 6.90 -20.53 0.50
CA VAL B 348 6.21 -21.55 -0.29
C VAL B 348 5.73 -22.69 0.60
N GLN B 349 6.49 -23.05 1.64
CA GLN B 349 5.99 -24.02 2.61
C GLN B 349 4.69 -23.54 3.23
N CYS B 350 4.62 -22.25 3.61
CA CYS B 350 3.40 -21.71 4.20
C CYS B 350 2.25 -21.69 3.20
N ILE B 351 2.55 -21.43 1.93
CA ILE B 351 1.53 -21.47 0.90
C ILE B 351 1.04 -22.89 0.70
N GLN B 352 1.98 -23.85 0.60
CA GLN B 352 1.63 -25.22 0.24
C GLN B 352 0.92 -25.93 1.39
N ASN B 353 1.49 -25.86 2.59
CA ASN B 353 0.91 -26.57 3.73
C ASN B 353 1.46 -25.93 5.00
N LYS B 354 0.75 -24.92 5.50
CA LYS B 354 1.20 -24.20 6.69
C LYS B 354 1.27 -25.10 7.93
N PRO B 355 0.29 -25.97 8.23
CA PRO B 355 0.46 -26.84 9.42
C PRO B 355 1.64 -27.78 9.31
N LEU B 356 1.91 -28.29 8.10
CA LEU B 356 3.12 -29.08 7.90
C LEU B 356 4.37 -28.24 8.10
N TYR B 357 4.30 -26.96 7.73
CA TYR B 357 5.43 -26.06 7.92
C TYR B 357 5.76 -25.93 9.41
N PHE B 358 4.75 -25.70 10.24
CA PHE B 358 5.00 -25.58 11.67
C PHE B 358 5.40 -26.93 12.27
N ALA B 359 4.82 -28.02 11.76
CA ALA B 359 5.22 -29.34 12.23
C ALA B 359 6.71 -29.59 12.01
N ASP B 360 7.20 -29.29 10.80
CA ASP B 360 8.63 -29.44 10.52
C ASP B 360 9.46 -28.48 11.38
N ARG B 361 8.97 -27.26 11.59
CA ARG B 361 9.68 -26.32 12.45
C ARG B 361 9.79 -26.86 13.87
N LEU B 362 8.69 -27.40 14.39
CA LEU B 362 8.72 -27.98 15.73
C LEU B 362 9.67 -29.17 15.80
N TYR B 363 9.65 -30.02 14.78
CA TYR B 363 10.56 -31.16 14.76
C TYR B 363 12.01 -30.69 14.75
N ASP B 364 12.33 -29.70 13.92
CA ASP B 364 13.69 -29.18 13.88
C ASP B 364 14.11 -28.59 15.23
N SER B 365 13.18 -27.93 15.93
CA SER B 365 13.54 -27.31 17.19
C SER B 365 13.86 -28.32 18.29
N MET B 366 13.43 -29.58 18.13
CA MET B 366 13.63 -30.60 19.14
C MET B 366 14.50 -31.77 18.70
N LYS B 367 14.86 -31.88 17.42
CA LYS B 367 15.37 -33.15 16.92
C LYS B 367 16.77 -33.47 17.43
N GLY B 368 17.59 -32.46 17.69
CA GLY B 368 18.99 -32.66 17.98
C GLY B 368 19.34 -32.46 19.44
N LYS B 369 20.59 -32.11 19.68
CA LYS B 369 21.03 -31.83 21.04
C LYS B 369 20.32 -30.58 21.56
N GLY B 370 19.74 -30.70 22.75
CA GLY B 370 19.05 -29.54 23.29
C GLY B 370 17.77 -29.22 22.56
N THR B 371 17.27 -28.00 22.81
CA THR B 371 15.99 -27.53 22.30
C THR B 371 16.12 -26.08 21.89
N ARG B 372 15.67 -25.76 20.68
CA ARG B 372 15.55 -24.36 20.27
C ARG B 372 14.26 -23.82 20.87
N ASP B 373 14.35 -23.45 22.16
CA ASP B 373 13.14 -23.18 22.93
C ASP B 373 12.36 -21.98 22.38
N LYS B 374 13.07 -20.96 21.90
CA LYS B 374 12.41 -19.77 21.36
C LYS B 374 11.46 -20.12 20.21
N VAL B 375 11.83 -21.09 19.38
CA VAL B 375 10.97 -21.48 18.27
C VAL B 375 9.85 -22.39 18.75
N LEU B 376 10.20 -23.41 19.55
CA LEU B 376 9.17 -24.29 20.12
C LEU B 376 8.11 -23.48 20.84
N ILE B 377 8.53 -22.52 21.66
CA ILE B 377 7.59 -21.74 22.47
C ILE B 377 6.71 -20.86 21.59
N ARG B 378 7.32 -20.15 20.63
CA ARG B 378 6.55 -19.22 19.81
C ARG B 378 5.46 -19.94 19.02
N ILE B 379 5.78 -21.12 18.51
CA ILE B 379 4.80 -21.87 17.73
C ILE B 379 3.69 -22.40 18.63
N MET B 380 4.07 -23.00 19.77
CA MET B 380 3.05 -23.53 20.68
C MET B 380 2.11 -22.44 21.16
N VAL B 381 2.60 -21.21 21.30
CA VAL B 381 1.76 -20.12 21.80
C VAL B 381 0.91 -19.55 20.68
N SER B 382 1.55 -19.17 19.56
CA SER B 382 0.84 -18.44 18.51
C SER B 382 -0.13 -19.30 17.73
N ARG B 383 0.07 -20.62 17.70
CA ARG B 383 -0.77 -21.50 16.91
C ARG B 383 -1.77 -22.30 17.75
N SER B 384 -1.75 -22.13 19.08
CA SER B 384 -2.61 -22.93 19.94
C SER B 384 -4.09 -22.65 19.71
N GLU B 385 -4.42 -21.45 19.25
CA GLU B 385 -5.81 -21.09 18.93
C GLU B 385 -6.03 -20.93 17.43
N VAL B 386 -5.16 -21.51 16.62
CA VAL B 386 -5.26 -21.37 15.17
C VAL B 386 -5.41 -22.74 14.52
N ASP B 387 -4.32 -23.52 14.48
CA ASP B 387 -4.34 -24.78 13.74
C ASP B 387 -3.51 -25.86 14.41
N MET B 388 -3.41 -25.82 15.74
CA MET B 388 -2.57 -26.79 16.45
C MET B 388 -3.01 -28.22 16.17
N LEU B 389 -4.32 -28.44 15.97
CA LEU B 389 -4.82 -29.79 15.70
C LEU B 389 -4.36 -30.28 14.33
N LYS B 390 -4.28 -29.38 13.35
CA LYS B 390 -3.75 -29.77 12.05
C LYS B 390 -2.24 -29.99 12.13
N ILE B 391 -1.53 -29.14 12.87
CA ILE B 391 -0.10 -29.35 13.08
C ILE B 391 0.16 -30.69 13.72
N ARG B 392 -0.59 -31.00 14.79
CA ARG B 392 -0.41 -32.28 15.46
C ARG B 392 -0.70 -33.44 14.52
N SER B 393 -1.67 -33.27 13.62
CA SER B 393 -2.01 -34.36 12.70
C SER B 393 -0.93 -34.53 11.63
N GLU B 394 -0.44 -33.42 11.07
CA GLU B 394 0.67 -33.49 10.12
C GLU B 394 1.92 -34.06 10.81
N PHE B 395 2.17 -33.63 12.04
CA PHE B 395 3.35 -34.08 12.77
C PHE B 395 3.35 -35.60 12.96
N LYS B 396 2.23 -36.14 13.46
CA LYS B 396 2.15 -37.58 13.70
C LYS B 396 2.20 -38.38 12.40
N ARG B 397 1.59 -37.86 11.32
CA ARG B 397 1.66 -38.56 10.05
C ARG B 397 3.09 -38.69 9.56
N LYS B 398 3.88 -37.62 9.66
CA LYS B 398 5.22 -37.63 9.10
C LYS B 398 6.21 -38.36 10.01
N TYR B 399 6.16 -38.07 11.30
CA TYR B 399 7.21 -38.51 12.22
C TYR B 399 6.85 -39.77 13.01
N GLY B 400 5.62 -40.26 12.90
CA GLY B 400 5.29 -41.54 13.48
C GLY B 400 4.84 -41.46 14.93
N LYS B 401 5.43 -40.55 15.70
CA LYS B 401 5.03 -40.26 17.06
C LYS B 401 4.38 -38.88 17.13
N SER B 402 3.72 -38.63 18.24
CA SER B 402 2.95 -37.40 18.41
C SER B 402 3.86 -36.22 18.74
N LEU B 403 3.35 -35.03 18.46
CA LEU B 403 4.02 -33.82 18.94
C LEU B 403 4.15 -33.85 20.46
N TYR B 404 3.12 -34.34 21.14
CA TYR B 404 3.16 -34.53 22.59
C TYR B 404 4.38 -35.35 23.01
N TYR B 405 4.62 -36.45 22.30
CA TYR B 405 5.74 -37.33 22.61
C TYR B 405 7.07 -36.58 22.58
N TYR B 406 7.28 -35.77 21.54
CA TYR B 406 8.56 -35.08 21.39
C TYR B 406 8.73 -33.99 22.43
N ILE B 407 7.69 -33.17 22.65
CA ILE B 407 7.72 -32.17 23.71
C ILE B 407 8.04 -32.81 25.04
N GLN B 408 7.44 -33.99 25.29
CA GLN B 408 7.67 -34.70 26.54
C GLN B 408 9.13 -35.11 26.69
N GLN B 409 9.76 -35.50 25.58
CA GLN B 409 11.16 -35.94 25.68
C GLN B 409 12.11 -34.76 25.85
N ASP B 410 11.77 -33.61 25.27
CA ASP B 410 12.73 -32.52 25.14
C ASP B 410 12.64 -31.48 26.24
N THR B 411 11.51 -31.38 26.93
CA THR B 411 11.30 -30.39 27.97
C THR B 411 10.96 -31.09 29.28
N LYS B 412 11.21 -30.39 30.39
CA LYS B 412 10.96 -30.95 31.71
C LYS B 412 10.29 -29.91 32.60
N GLY B 413 9.86 -30.36 33.78
CA GLY B 413 9.29 -29.50 34.80
C GLY B 413 7.95 -28.91 34.41
N ASP B 414 7.63 -27.78 35.07
CA ASP B 414 6.36 -27.10 34.78
C ASP B 414 6.35 -26.49 33.39
N TYR B 415 7.51 -26.11 32.88
CA TYR B 415 7.64 -25.68 31.49
C TYR B 415 7.06 -26.74 30.54
N GLN B 416 7.46 -27.99 30.72
CA GLN B 416 6.92 -29.08 29.90
C GLN B 416 5.40 -29.17 30.02
N LYS B 417 4.90 -29.19 31.26
CA LYS B 417 3.46 -29.32 31.46
C LYS B 417 2.70 -28.19 30.79
N ALA B 418 3.26 -26.98 30.80
CA ALA B 418 2.65 -25.86 30.08
C ALA B 418 2.55 -26.15 28.58
N LEU B 419 3.68 -26.56 27.97
CA LEU B 419 3.66 -26.85 26.54
C LEU B 419 2.72 -28.00 26.23
N LEU B 420 2.69 -29.01 27.10
CA LEU B 420 1.82 -30.16 26.87
C LEU B 420 0.36 -29.77 26.86
N TYR B 421 -0.04 -28.87 27.77
CA TYR B 421 -1.41 -28.36 27.74
C TYR B 421 -1.67 -27.56 26.47
N LEU B 422 -0.69 -26.78 26.03
CA LEU B 422 -0.83 -26.05 24.78
C LEU B 422 -0.95 -27.01 23.60
N CYS B 423 -0.22 -28.12 23.64
CA CYS B 423 -0.38 -29.14 22.61
C CYS B 423 -1.81 -29.69 22.61
N GLY B 424 -2.31 -30.07 23.79
CA GLY B 424 -3.70 -30.44 23.96
C GLY B 424 -3.96 -31.92 24.08
N GLY B 425 -2.97 -32.77 23.93
CA GLY B 425 -3.19 -34.20 24.07
C GLY B 425 -2.27 -35.00 23.18
N ASP B 426 -2.26 -36.31 23.42
CA ASP B 426 -1.42 -37.23 22.67
C ASP B 426 -2.08 -37.59 21.34
N ASP B 427 -1.30 -38.21 20.46
CA ASP B 427 -1.80 -38.70 19.19
C ASP B 427 -1.24 -40.09 18.89
N GLU C 8 -28.15 -7.87 10.72
CA GLU C 8 -27.62 -6.70 9.97
C GLU C 8 -27.35 -5.54 10.95
N GLN C 9 -27.91 -4.36 10.65
CA GLN C 9 -27.73 -3.19 11.54
C GLN C 9 -29.00 -3.05 12.36
N LEU C 10 -28.94 -3.41 13.64
CA LEU C 10 -30.11 -3.33 14.53
C LEU C 10 -29.84 -2.31 15.63
#